data_2NAZ
#
_entry.id   2NAZ
#
_entity_poly.entity_id   1
_entity_poly.type   'polypeptide(L)'
_entity_poly.pdbx_seq_one_letter_code
;MEDEVAQRIEFDDLVIDNGGRSVTLNGELVDFTSAEYDLLWLLASNAGRILSREDIFERLRGIEYDGQDRSIDVRISRIR
PKIGDDPENPKRIKTVRSKGYLFVKETNGLLEHHHHHH
;
_entity_poly.pdbx_strand_id   A
#
# COMPACT_ATOMS: atom_id res chain seq x y z
N GLU A 2 30.30 -7.78 -8.84
CA GLU A 2 29.08 -7.63 -9.66
C GLU A 2 27.81 -7.72 -8.81
N ASP A 3 26.79 -6.94 -9.13
CA ASP A 3 25.47 -6.95 -8.46
C ASP A 3 24.34 -6.54 -9.44
N GLU A 4 23.12 -6.99 -9.16
CA GLU A 4 21.90 -6.69 -9.92
C GLU A 4 20.67 -6.81 -8.98
N VAL A 5 19.66 -5.96 -9.19
CA VAL A 5 18.39 -5.99 -8.43
C VAL A 5 17.15 -5.93 -9.33
N ALA A 6 16.08 -6.53 -8.84
CA ALA A 6 14.82 -6.68 -9.57
C ALA A 6 13.90 -5.45 -9.48
N GLN A 7 13.92 -4.73 -8.35
CA GLN A 7 12.98 -3.66 -7.96
C GLN A 7 11.49 -4.09 -7.94
N ARG A 8 11.22 -5.41 -7.90
CA ARG A 8 9.90 -6.01 -7.60
C ARG A 8 9.87 -6.47 -6.14
N ILE A 9 8.74 -6.22 -5.49
CA ILE A 9 8.46 -6.31 -4.04
C ILE A 9 7.20 -7.17 -3.87
N GLU A 10 7.23 -8.24 -3.08
CA GLU A 10 6.09 -9.16 -2.94
C GLU A 10 5.68 -9.46 -1.50
N PHE A 11 4.38 -9.73 -1.31
CA PHE A 11 3.79 -9.80 0.05
C PHE A 11 2.91 -11.01 0.34
N ASP A 12 2.03 -11.38 -0.59
CA ASP A 12 1.01 -12.43 -0.36
C ASP A 12 0.69 -13.15 -1.69
N ASP A 13 -0.05 -12.48 -2.57
CA ASP A 13 -0.20 -12.77 -4.00
C ASP A 13 -0.03 -11.50 -4.87
N LEU A 14 0.25 -10.36 -4.20
CA LEU A 14 0.55 -9.06 -4.75
C LEU A 14 2.06 -8.90 -4.98
N VAL A 15 2.38 -8.30 -6.12
CA VAL A 15 3.74 -7.85 -6.46
C VAL A 15 3.75 -6.42 -6.99
N ILE A 16 4.44 -5.58 -6.24
CA ILE A 16 4.68 -4.15 -6.48
C ILE A 16 6.02 -3.97 -7.18
N ASP A 17 6.11 -3.01 -8.08
CA ASP A 17 7.18 -2.99 -9.08
C ASP A 17 7.64 -1.55 -9.38
N ASN A 18 8.78 -1.11 -8.82
CA ASN A 18 9.40 0.17 -9.18
C ASN A 18 10.28 0.05 -10.44
N GLY A 19 10.68 -1.18 -10.79
CA GLY A 19 11.30 -1.48 -12.08
C GLY A 19 10.40 -1.16 -13.29
N GLY A 20 9.07 -1.14 -13.08
CA GLY A 20 8.04 -0.80 -14.07
C GLY A 20 7.02 0.26 -13.62
N ARG A 21 7.21 0.86 -12.43
CA ARG A 21 6.32 1.83 -11.76
C ARG A 21 4.83 1.42 -11.75
N SER A 22 4.54 0.16 -11.44
CA SER A 22 3.18 -0.42 -11.41
C SER A 22 3.10 -1.62 -10.45
N VAL A 23 2.01 -2.40 -10.47
CA VAL A 23 1.85 -3.65 -9.70
C VAL A 23 1.02 -4.71 -10.44
N THR A 24 1.34 -5.97 -10.15
CA THR A 24 0.60 -7.20 -10.49
C THR A 24 -0.06 -7.74 -9.23
N LEU A 25 -1.29 -8.26 -9.32
CA LEU A 25 -1.83 -9.17 -8.31
C LEU A 25 -2.25 -10.47 -9.00
N ASN A 26 -2.05 -11.62 -8.36
CA ASN A 26 -2.66 -12.88 -8.77
C ASN A 26 -2.18 -13.32 -10.18
N GLY A 27 -0.98 -12.86 -10.58
CA GLY A 27 -0.43 -13.00 -11.95
C GLY A 27 -1.23 -12.27 -13.02
N GLU A 28 -1.99 -11.24 -12.65
CA GLU A 28 -3.11 -10.71 -13.44
C GLU A 28 -3.27 -9.17 -13.37
N LEU A 29 -2.18 -8.47 -13.05
CA LEU A 29 -1.89 -7.10 -13.52
C LEU A 29 -2.92 -6.08 -13.00
N VAL A 30 -2.82 -5.69 -11.72
CA VAL A 30 -3.74 -4.69 -11.15
C VAL A 30 -3.70 -3.41 -11.95
N ASP A 31 -2.48 -2.89 -12.09
CA ASP A 31 -2.19 -1.49 -12.43
C ASP A 31 -2.92 -0.48 -11.53
N PHE A 32 -2.35 -0.23 -10.35
CA PHE A 32 -2.73 0.88 -9.45
C PHE A 32 -2.59 2.25 -10.14
N THR A 33 -3.30 3.26 -9.63
CA THR A 33 -3.13 4.68 -10.02
C THR A 33 -1.74 5.16 -9.60
N SER A 34 -1.21 6.28 -10.13
CA SER A 34 0.12 6.77 -9.74
C SER A 34 0.26 7.01 -8.23
N ALA A 35 -0.72 7.65 -7.57
CA ALA A 35 -0.66 7.87 -6.12
C ALA A 35 -1.00 6.62 -5.31
N GLU A 36 -1.99 5.84 -5.73
CA GLU A 36 -2.35 4.62 -5.01
C GLU A 36 -1.16 3.65 -5.05
N TYR A 37 -0.52 3.50 -6.21
CA TYR A 37 0.78 2.85 -6.32
C TYR A 37 1.85 3.54 -5.45
N ASP A 38 2.04 4.87 -5.51
CA ASP A 38 3.04 5.51 -4.65
C ASP A 38 2.86 5.19 -3.16
N LEU A 39 1.65 5.36 -2.63
CA LEU A 39 1.39 5.14 -1.21
C LEU A 39 1.50 3.65 -0.87
N LEU A 40 1.06 2.79 -1.80
CA LEU A 40 1.17 1.34 -1.61
C LEU A 40 2.65 0.95 -1.56
N TRP A 41 3.46 1.32 -2.57
CA TRP A 41 4.92 1.22 -2.59
C TRP A 41 5.57 1.73 -1.31
N LEU A 42 5.26 2.94 -0.86
CA LEU A 42 5.76 3.50 0.41
C LEU A 42 5.50 2.51 1.57
N LEU A 43 4.25 2.05 1.71
CA LEU A 43 3.93 1.16 2.82
C LEU A 43 4.65 -0.19 2.66
N ALA A 44 4.53 -0.82 1.49
CA ALA A 44 5.17 -2.08 1.09
C ALA A 44 6.70 -2.07 1.19
N SER A 45 7.33 -0.93 0.94
CA SER A 45 8.76 -0.68 1.04
C SER A 45 9.18 -0.48 2.50
N ASN A 46 8.26 0.02 3.37
CA ASN A 46 8.46 -0.07 4.81
C ASN A 46 7.92 -1.37 5.44
N ALA A 47 7.33 -2.30 4.65
CA ALA A 47 6.41 -3.30 5.19
C ALA A 47 6.93 -4.12 6.38
N GLY A 48 6.10 -4.18 7.41
CA GLY A 48 6.40 -4.63 8.78
C GLY A 48 6.67 -3.50 9.80
N ARG A 49 6.93 -2.27 9.34
CA ARG A 49 6.89 -1.00 10.09
C ARG A 49 5.54 -0.32 9.86
N ILE A 50 4.92 0.28 10.88
CA ILE A 50 3.64 1.02 10.74
C ILE A 50 3.89 2.44 10.22
N LEU A 51 3.01 2.93 9.33
CA LEU A 51 3.12 4.22 8.71
C LEU A 51 1.83 5.04 9.01
N SER A 52 1.90 6.17 9.69
CA SER A 52 0.77 6.90 10.32
C SER A 52 -0.26 7.63 9.39
N ARG A 53 -0.78 6.99 8.32
CA ARG A 53 -1.62 7.53 7.18
C ARG A 53 -1.10 8.77 6.42
N GLU A 54 -1.01 9.86 7.17
CA GLU A 54 -0.64 11.16 6.66
C GLU A 54 0.85 11.18 6.32
N ASP A 55 1.71 10.49 7.09
CA ASP A 55 3.16 10.44 6.85
C ASP A 55 3.47 9.94 5.42
N ILE A 56 2.74 8.90 5.03
CA ILE A 56 2.70 8.30 3.71
C ILE A 56 2.26 9.35 2.69
N PHE A 57 1.02 9.84 2.83
CA PHE A 57 0.48 10.73 1.79
C PHE A 57 1.28 12.02 1.62
N GLU A 58 1.78 12.55 2.72
CA GLU A 58 2.73 13.66 2.78
C GLU A 58 4.10 13.34 2.16
N ARG A 59 4.56 12.07 2.20
CA ARG A 59 5.70 11.61 1.38
C ARG A 59 5.42 11.67 -0.13
N LEU A 60 4.25 11.19 -0.61
CA LEU A 60 4.00 11.17 -2.08
C LEU A 60 3.39 12.44 -2.70
N ARG A 61 2.52 13.14 -1.97
CA ARG A 61 1.55 14.12 -2.51
C ARG A 61 1.31 15.30 -1.59
N GLY A 62 0.53 15.12 -0.53
CA GLY A 62 0.10 16.19 0.38
C GLY A 62 -0.87 17.18 -0.29
N ILE A 63 -1.60 16.74 -1.32
CA ILE A 63 -2.57 17.54 -2.09
C ILE A 63 -4.03 17.16 -1.82
N GLU A 64 -4.92 18.08 -2.19
CA GLU A 64 -6.36 17.99 -1.92
C GLU A 64 -7.22 17.55 -3.14
N TYR A 65 -6.58 17.39 -4.31
CA TYR A 65 -7.22 17.21 -5.62
C TYR A 65 -8.32 18.26 -5.88
N ASP A 66 -9.42 17.89 -6.54
CA ASP A 66 -10.61 18.73 -6.79
C ASP A 66 -11.60 18.70 -5.60
N GLY A 67 -11.09 18.76 -4.37
CA GLY A 67 -11.90 18.71 -3.14
C GLY A 67 -12.26 17.29 -2.69
N GLN A 68 -11.29 16.37 -2.73
CA GLN A 68 -11.47 14.96 -2.30
C GLN A 68 -11.31 14.76 -0.78
N ASP A 69 -10.89 15.81 -0.05
CA ASP A 69 -10.86 15.91 1.42
C ASP A 69 -10.14 14.75 2.15
N ARG A 70 -9.12 14.16 1.51
CA ARG A 70 -8.30 13.04 1.99
C ARG A 70 -9.13 11.87 2.54
N SER A 71 -9.88 11.20 1.66
CA SER A 71 -10.64 9.97 1.97
C SER A 71 -9.73 8.72 2.10
N ILE A 72 -8.65 8.83 2.87
CA ILE A 72 -7.55 7.86 2.96
C ILE A 72 -7.99 6.42 3.30
N ASP A 73 -8.87 6.19 4.29
CA ASP A 73 -9.27 4.84 4.75
C ASP A 73 -10.13 4.10 3.72
N VAL A 74 -10.87 4.86 2.94
CA VAL A 74 -11.71 4.35 1.85
C VAL A 74 -10.86 4.02 0.64
N ARG A 75 -9.92 4.91 0.35
CA ARG A 75 -9.00 4.68 -0.73
C ARG A 75 -8.16 3.41 -0.45
N ILE A 76 -7.64 3.21 0.76
CA ILE A 76 -7.12 1.92 1.27
C ILE A 76 -8.15 0.79 1.13
N SER A 77 -9.41 1.03 1.45
CA SER A 77 -10.50 0.06 1.17
C SER A 77 -10.80 -0.18 -0.33
N ARG A 78 -10.18 0.56 -1.27
CA ARG A 78 -9.99 0.16 -2.70
C ARG A 78 -8.65 -0.57 -2.98
N ILE A 79 -7.55 -0.17 -2.32
CA ILE A 79 -6.29 -0.95 -2.38
C ILE A 79 -6.58 -2.38 -1.92
N ARG A 80 -7.36 -2.54 -0.85
CA ARG A 80 -7.92 -3.79 -0.29
C ARG A 80 -8.35 -4.80 -1.37
N PRO A 81 -9.41 -4.61 -2.18
CA PRO A 81 -9.75 -5.54 -3.26
C PRO A 81 -8.71 -5.55 -4.40
N LYS A 82 -7.96 -4.46 -4.65
CA LYS A 82 -6.85 -4.50 -5.61
C LYS A 82 -5.63 -5.31 -5.18
N ILE A 83 -5.50 -5.64 -3.89
CA ILE A 83 -4.46 -6.54 -3.36
C ILE A 83 -5.02 -7.88 -2.86
N GLY A 84 -6.21 -8.23 -3.35
CA GLY A 84 -6.84 -9.55 -3.11
C GLY A 84 -7.42 -9.72 -1.70
N ASP A 85 -7.54 -8.63 -0.94
CA ASP A 85 -7.77 -8.62 0.50
C ASP A 85 -9.25 -8.76 0.95
N ASP A 86 -9.46 -8.85 2.27
CA ASP A 86 -10.71 -9.15 2.98
C ASP A 86 -11.87 -8.17 2.72
N PRO A 87 -13.13 -8.55 3.01
CA PRO A 87 -14.32 -7.75 2.68
C PRO A 87 -14.49 -6.42 3.44
N GLU A 88 -14.09 -6.34 4.72
CA GLU A 88 -14.35 -5.17 5.59
C GLU A 88 -13.11 -4.29 5.82
N ASN A 89 -11.93 -4.91 5.80
CA ASN A 89 -10.61 -4.29 5.91
C ASN A 89 -9.55 -5.18 5.30
N PRO A 90 -8.48 -4.59 4.75
CA PRO A 90 -7.35 -5.37 4.32
C PRO A 90 -6.59 -5.91 5.53
N LYS A 91 -6.31 -7.21 5.56
CA LYS A 91 -5.30 -7.80 6.45
C LYS A 91 -3.91 -7.22 6.16
N ARG A 92 -3.66 -6.81 4.91
CA ARG A 92 -2.43 -6.16 4.47
C ARG A 92 -2.14 -4.83 5.12
N ILE A 93 -3.15 -4.01 5.47
CA ILE A 93 -2.91 -2.56 5.70
C ILE A 93 -3.43 -1.93 7.01
N LYS A 94 -4.75 -1.94 7.25
CA LYS A 94 -5.40 -0.79 7.90
C LYS A 94 -5.19 -0.69 9.42
N THR A 95 -4.76 0.49 9.89
CA THR A 95 -4.59 0.94 11.29
C THR A 95 -3.50 0.29 12.14
N VAL A 96 -3.41 -1.04 12.08
CA VAL A 96 -2.79 -2.02 13.00
C VAL A 96 -3.39 -2.05 14.42
N ARG A 97 -3.47 -0.91 15.12
CA ARG A 97 -4.01 -0.79 16.49
C ARG A 97 -4.80 0.51 16.65
N SER A 98 -4.10 1.65 16.54
CA SER A 98 -4.68 3.00 16.51
C SER A 98 -3.78 4.02 15.77
N LYS A 99 -2.90 3.53 14.88
CA LYS A 99 -1.75 4.29 14.35
C LYS A 99 -1.92 4.79 12.92
N GLY A 100 -1.99 3.88 11.94
CA GLY A 100 -1.78 4.30 10.54
C GLY A 100 -2.29 3.35 9.50
N TYR A 101 -1.35 2.96 8.66
CA TYR A 101 -1.37 1.87 7.73
C TYR A 101 -0.04 1.17 7.98
N LEU A 102 -0.11 -0.01 8.61
CA LEU A 102 1.05 -0.90 8.53
C LEU A 102 0.79 -1.75 7.32
N PHE A 103 1.69 -1.72 6.34
CA PHE A 103 1.66 -2.80 5.39
C PHE A 103 2.39 -4.00 5.95
N VAL A 104 1.65 -5.07 6.22
CA VAL A 104 2.15 -6.30 6.84
C VAL A 104 3.04 -7.14 5.89
N LYS A 105 3.79 -8.09 6.45
CA LYS A 105 4.45 -9.19 5.70
C LYS A 105 3.69 -10.49 5.93
N GLU A 106 3.41 -10.81 7.20
CA GLU A 106 2.32 -11.70 7.64
C GLU A 106 1.57 -11.05 8.83
N THR A 107 0.28 -11.35 8.99
CA THR A 107 -0.65 -10.57 9.83
C THR A 107 -0.54 -10.84 11.34
N ASN A 108 0.27 -11.81 11.76
CA ASN A 108 0.49 -12.17 13.17
C ASN A 108 1.98 -12.45 13.45
N GLY A 109 2.56 -11.74 14.43
CA GLY A 109 3.88 -12.03 15.00
C GLY A 109 3.81 -13.02 16.17
N LEU A 110 3.02 -12.67 17.20
CA LEU A 110 2.67 -13.52 18.36
C LEU A 110 1.23 -13.20 18.81
N GLU A 2 27.57 0.05 -2.20
CA GLU A 2 27.10 -0.26 -3.57
C GLU A 2 25.57 -0.35 -3.64
N ASP A 3 25.00 -0.13 -4.83
CA ASP A 3 23.56 -0.26 -5.08
C ASP A 3 23.09 -1.72 -5.13
N GLU A 4 21.89 -2.00 -4.60
CA GLU A 4 21.31 -3.35 -4.52
C GLU A 4 19.76 -3.28 -4.51
N VAL A 5 19.23 -2.39 -5.36
CA VAL A 5 17.84 -1.88 -5.26
C VAL A 5 16.82 -2.88 -5.79
N ALA A 6 15.82 -3.15 -4.95
CA ALA A 6 14.76 -4.10 -5.25
C ALA A 6 13.71 -3.47 -6.16
N GLN A 7 13.75 -3.90 -7.41
CA GLN A 7 12.83 -3.48 -8.49
C GLN A 7 11.46 -4.18 -8.40
N ARG A 8 11.40 -5.31 -7.72
CA ARG A 8 10.18 -6.08 -7.40
C ARG A 8 10.10 -6.40 -5.90
N ILE A 9 8.91 -6.23 -5.36
CA ILE A 9 8.52 -6.33 -3.96
C ILE A 9 7.27 -7.22 -3.89
N GLU A 10 7.28 -8.29 -3.12
CA GLU A 10 6.13 -9.20 -3.01
C GLU A 10 5.72 -9.51 -1.56
N PHE A 11 4.42 -9.73 -1.37
CA PHE A 11 3.84 -9.76 0.00
C PHE A 11 2.97 -10.97 0.32
N ASP A 12 2.08 -11.37 -0.59
CA ASP A 12 1.05 -12.39 -0.33
C ASP A 12 0.70 -13.14 -1.63
N ASP A 13 -0.04 -12.47 -2.52
CA ASP A 13 -0.18 -12.79 -3.96
C ASP A 13 -0.02 -11.52 -4.83
N LEU A 14 0.26 -10.38 -4.19
CA LEU A 14 0.58 -9.08 -4.76
C LEU A 14 2.07 -8.95 -4.99
N VAL A 15 2.40 -8.38 -6.14
CA VAL A 15 3.76 -7.92 -6.47
C VAL A 15 3.75 -6.49 -6.98
N ILE A 16 4.51 -5.66 -6.29
CA ILE A 16 4.78 -4.27 -6.60
C ILE A 16 6.11 -4.19 -7.36
N ASP A 17 6.08 -3.57 -8.53
CA ASP A 17 7.15 -3.52 -9.51
C ASP A 17 7.56 -2.05 -9.68
N ASN A 18 8.55 -1.60 -8.91
CA ASN A 18 9.17 -0.28 -9.05
C ASN A 18 10.08 -0.21 -10.28
N GLY A 19 10.52 -1.38 -10.76
CA GLY A 19 11.16 -1.54 -12.07
C GLY A 19 10.27 -1.13 -13.26
N GLY A 20 8.95 -1.10 -13.07
CA GLY A 20 7.94 -0.63 -14.04
C GLY A 20 6.97 0.45 -13.52
N ARG A 21 7.17 0.97 -12.29
CA ARG A 21 6.29 1.91 -11.57
C ARG A 21 4.81 1.49 -11.57
N SER A 22 4.55 0.20 -11.37
CA SER A 22 3.20 -0.41 -11.39
C SER A 22 3.14 -1.68 -10.51
N VAL A 23 2.04 -2.42 -10.54
CA VAL A 23 1.86 -3.66 -9.74
C VAL A 23 1.02 -4.72 -10.48
N THR A 24 1.35 -5.98 -10.18
CA THR A 24 0.61 -7.21 -10.51
C THR A 24 -0.06 -7.76 -9.25
N LEU A 25 -1.28 -8.27 -9.32
CA LEU A 25 -1.83 -9.17 -8.31
C LEU A 25 -2.21 -10.48 -8.98
N ASN A 26 -1.96 -11.61 -8.32
CA ASN A 26 -2.55 -12.90 -8.67
C ASN A 26 -2.16 -13.35 -10.11
N GLY A 27 -0.97 -12.90 -10.55
CA GLY A 27 -0.47 -13.05 -11.93
C GLY A 27 -1.29 -12.32 -13.01
N GLU A 28 -2.04 -11.28 -12.62
CA GLU A 28 -3.17 -10.74 -13.40
C GLU A 28 -3.32 -9.21 -13.34
N LEU A 29 -2.22 -8.50 -13.04
CA LEU A 29 -1.93 -7.15 -13.53
C LEU A 29 -2.94 -6.11 -13.03
N VAL A 30 -2.82 -5.69 -11.75
CA VAL A 30 -3.74 -4.69 -11.17
C VAL A 30 -3.69 -3.42 -11.99
N ASP A 31 -2.46 -2.91 -12.14
CA ASP A 31 -2.17 -1.53 -12.49
C ASP A 31 -2.87 -0.48 -11.59
N PHE A 32 -2.28 -0.23 -10.42
CA PHE A 32 -2.66 0.87 -9.52
C PHE A 32 -2.55 2.26 -10.20
N THR A 33 -3.23 3.27 -9.65
CA THR A 33 -3.13 4.68 -10.08
C THR A 33 -1.74 5.24 -9.74
N SER A 34 -1.36 6.44 -10.21
CA SER A 34 -0.09 7.07 -9.83
C SER A 34 0.06 7.24 -8.31
N ALA A 35 -0.89 7.90 -7.64
CA ALA A 35 -0.85 8.05 -6.19
C ALA A 35 -1.10 6.74 -5.44
N GLU A 36 -2.01 5.89 -5.91
CA GLU A 36 -2.31 4.65 -5.19
C GLU A 36 -1.12 3.71 -5.26
N TYR A 37 -0.46 3.60 -6.42
CA TYR A 37 0.85 2.98 -6.49
C TYR A 37 1.89 3.72 -5.64
N ASP A 38 1.98 5.06 -5.61
CA ASP A 38 2.92 5.73 -4.72
C ASP A 38 2.74 5.34 -3.24
N LEU A 39 1.52 5.49 -2.73
CA LEU A 39 1.20 5.25 -1.32
C LEU A 39 1.36 3.77 -0.98
N LEU A 40 0.96 2.89 -1.91
CA LEU A 40 1.12 1.45 -1.76
C LEU A 40 2.62 1.08 -1.77
N TRP A 41 3.41 1.51 -2.75
CA TRP A 41 4.88 1.37 -2.75
C TRP A 41 5.51 1.83 -1.45
N LEU A 42 5.21 3.05 -1.00
CA LEU A 42 5.71 3.56 0.28
C LEU A 42 5.41 2.59 1.44
N LEU A 43 4.15 2.16 1.53
CA LEU A 43 3.67 1.25 2.56
C LEU A 43 4.44 -0.08 2.50
N ALA A 44 4.43 -0.71 1.32
CA ALA A 44 5.09 -1.97 0.99
C ALA A 44 6.63 -1.95 1.12
N SER A 45 7.24 -0.81 0.85
CA SER A 45 8.69 -0.57 0.96
C SER A 45 9.09 -0.41 2.42
N ASN A 46 8.19 0.12 3.27
CA ASN A 46 8.37 0.07 4.72
C ASN A 46 7.78 -1.20 5.38
N ALA A 47 7.23 -2.14 4.60
CA ALA A 47 6.35 -3.17 5.13
C ALA A 47 6.93 -3.95 6.33
N GLY A 48 6.12 -4.04 7.37
CA GLY A 48 6.47 -4.48 8.74
C GLY A 48 6.64 -3.35 9.78
N ARG A 49 6.74 -2.07 9.36
CA ARG A 49 6.58 -0.85 10.20
C ARG A 49 5.18 -0.25 10.04
N ILE A 50 4.49 0.27 11.07
CA ILE A 50 3.24 1.04 10.84
C ILE A 50 3.56 2.41 10.26
N LEU A 51 2.86 2.79 9.19
CA LEU A 51 2.92 4.10 8.57
C LEU A 51 1.63 4.88 8.93
N SER A 52 1.70 6.07 9.49
CA SER A 52 0.61 6.75 10.25
C SER A 52 -0.57 7.37 9.45
N ARG A 53 -1.02 6.75 8.34
CA ARG A 53 -1.88 7.33 7.24
C ARG A 53 -1.28 8.58 6.54
N GLU A 54 -1.14 9.61 7.35
CA GLU A 54 -0.58 10.88 6.93
C GLU A 54 0.89 10.73 6.55
N ASP A 55 1.68 9.90 7.24
CA ASP A 55 3.14 9.75 6.98
C ASP A 55 3.39 9.40 5.50
N ILE A 56 2.60 8.44 5.03
CA ILE A 56 2.52 7.98 3.66
C ILE A 56 2.16 9.16 2.74
N PHE A 57 0.95 9.70 2.94
CA PHE A 57 0.47 10.71 2.00
C PHE A 57 1.34 11.96 1.95
N GLU A 58 1.82 12.38 3.10
CA GLU A 58 2.80 13.45 3.32
C GLU A 58 4.16 13.16 2.66
N ARG A 59 4.58 11.90 2.50
CA ARG A 59 5.64 11.53 1.54
C ARG A 59 5.23 11.86 0.10
N LEU A 60 4.11 11.33 -0.42
CA LEU A 60 3.84 11.44 -1.88
C LEU A 60 3.15 12.73 -2.39
N ARG A 61 2.15 13.25 -1.66
CA ARG A 61 1.14 14.24 -2.10
C ARG A 61 0.62 15.11 -0.94
N GLY A 62 -0.15 14.52 -0.03
CA GLY A 62 -0.82 15.22 1.09
C GLY A 62 -1.99 16.11 0.64
N ILE A 63 -2.59 15.79 -0.51
CA ILE A 63 -3.52 16.65 -1.26
C ILE A 63 -4.98 16.48 -0.83
N GLU A 64 -5.45 15.24 -0.92
CA GLU A 64 -6.86 14.83 -0.78
C GLU A 64 -7.28 14.50 0.68
N TYR A 65 -6.43 14.84 1.65
CA TYR A 65 -6.64 14.66 3.09
C TYR A 65 -6.55 16.01 3.83
N ASP A 66 -7.47 16.25 4.78
CA ASP A 66 -7.56 17.51 5.52
C ASP A 66 -7.93 17.32 7.01
N GLY A 67 -7.87 16.09 7.52
CA GLY A 67 -8.29 15.71 8.89
C GLY A 67 -9.81 15.64 9.08
N GLN A 68 -10.56 16.59 8.51
CA GLN A 68 -12.02 16.53 8.36
C GLN A 68 -12.43 15.74 7.09
N ASP A 69 -11.66 15.90 5.99
CA ASP A 69 -11.77 15.08 4.78
C ASP A 69 -10.77 13.90 4.85
N ARG A 70 -11.27 12.67 4.65
CA ARG A 70 -10.58 11.41 4.99
C ARG A 70 -10.62 10.38 3.85
N SER A 71 -10.21 10.78 2.65
CA SER A 71 -10.14 9.88 1.48
C SER A 71 -9.16 8.71 1.66
N ILE A 72 -8.11 8.89 2.49
CA ILE A 72 -7.08 7.89 2.78
C ILE A 72 -7.64 6.52 3.20
N ASP A 73 -8.55 6.42 4.18
CA ASP A 73 -9.06 5.13 4.68
C ASP A 73 -9.88 4.38 3.62
N VAL A 74 -10.51 5.13 2.73
CA VAL A 74 -11.38 4.57 1.68
C VAL A 74 -10.54 4.08 0.53
N ARG A 75 -9.58 4.89 0.14
CA ARG A 75 -8.72 4.51 -0.95
C ARG A 75 -7.87 3.29 -0.55
N ILE A 76 -7.37 3.17 0.69
CA ILE A 76 -6.92 1.88 1.29
C ILE A 76 -7.98 0.79 1.21
N SER A 77 -9.24 1.06 1.57
CA SER A 77 -10.36 0.13 1.34
C SER A 77 -10.65 -0.17 -0.16
N ARG A 78 -9.98 0.48 -1.12
CA ARG A 78 -9.86 0.07 -2.54
C ARG A 78 -8.51 -0.58 -2.94
N ILE A 79 -7.38 -0.19 -2.31
CA ILE A 79 -6.13 -0.98 -2.39
C ILE A 79 -6.45 -2.40 -1.93
N ARG A 80 -7.20 -2.53 -0.84
CA ARG A 80 -7.79 -3.76 -0.28
C ARG A 80 -8.26 -4.77 -1.38
N PRO A 81 -9.35 -4.57 -2.14
CA PRO A 81 -9.71 -5.48 -3.23
C PRO A 81 -8.69 -5.52 -4.38
N LYS A 82 -7.92 -4.45 -4.66
CA LYS A 82 -6.83 -4.50 -5.63
C LYS A 82 -5.62 -5.35 -5.22
N ILE A 83 -5.47 -5.66 -3.94
CA ILE A 83 -4.43 -6.56 -3.41
C ILE A 83 -4.99 -7.89 -2.89
N GLY A 84 -6.20 -8.23 -3.35
CA GLY A 84 -6.85 -9.52 -3.08
C GLY A 84 -7.47 -9.64 -1.68
N ASP A 85 -7.56 -8.53 -0.95
CA ASP A 85 -7.81 -8.46 0.49
C ASP A 85 -9.29 -8.48 0.95
N ASP A 86 -9.48 -8.71 2.24
CA ASP A 86 -10.71 -9.05 2.95
C ASP A 86 -11.48 -7.87 3.55
N PRO A 87 -12.77 -8.08 3.90
CA PRO A 87 -13.50 -7.25 4.85
C PRO A 87 -12.94 -7.32 6.29
N GLU A 88 -13.17 -6.32 7.14
CA GLU A 88 -13.64 -4.96 6.82
C GLU A 88 -12.48 -4.05 6.40
N ASN A 89 -11.33 -4.19 7.08
CA ASN A 89 -10.02 -3.73 6.65
C ASN A 89 -9.25 -4.82 5.87
N PRO A 90 -8.38 -4.41 4.94
CA PRO A 90 -7.35 -5.29 4.42
C PRO A 90 -6.48 -5.82 5.57
N LYS A 91 -6.23 -7.13 5.59
CA LYS A 91 -5.22 -7.74 6.47
C LYS A 91 -3.80 -7.31 6.09
N ARG A 92 -3.57 -6.92 4.83
CA ARG A 92 -2.33 -6.29 4.37
C ARG A 92 -2.03 -4.95 5.02
N ILE A 93 -3.03 -4.14 5.39
CA ILE A 93 -2.81 -2.70 5.69
C ILE A 93 -3.25 -2.23 7.11
N LYS A 94 -4.18 -2.93 7.76
CA LYS A 94 -4.64 -2.68 9.15
C LYS A 94 -5.38 -1.37 9.46
N THR A 95 -4.76 -0.17 9.50
CA THR A 95 -5.24 1.02 10.26
C THR A 95 -4.84 0.95 11.75
N VAL A 96 -4.71 -0.27 12.28
CA VAL A 96 -4.09 -0.65 13.57
C VAL A 96 -4.70 0.09 14.77
N ARG A 97 -6.04 -0.03 14.88
CA ARG A 97 -6.96 0.74 15.75
C ARG A 97 -7.01 2.24 15.41
N SER A 98 -5.88 2.93 15.50
CA SER A 98 -5.78 4.39 15.44
C SER A 98 -4.59 4.94 14.66
N LYS A 99 -3.42 4.27 14.65
CA LYS A 99 -2.17 4.83 14.09
C LYS A 99 -2.22 5.03 12.58
N GLY A 100 -2.43 3.95 11.82
CA GLY A 100 -2.02 3.90 10.44
C GLY A 100 -2.01 2.54 9.74
N TYR A 101 -1.50 2.65 8.55
CA TYR A 101 -1.38 1.64 7.56
C TYR A 101 -0.05 0.97 7.84
N LEU A 102 -0.07 -0.14 8.58
CA LEU A 102 1.09 -1.02 8.52
C LEU A 102 0.81 -1.86 7.30
N PHE A 103 1.67 -1.76 6.31
CA PHE A 103 1.67 -2.81 5.32
C PHE A 103 2.43 -4.01 5.89
N VAL A 104 1.70 -5.07 6.19
CA VAL A 104 2.20 -6.27 6.89
C VAL A 104 3.16 -7.11 6.02
N LYS A 105 3.89 -8.02 6.67
CA LYS A 105 4.64 -9.11 6.02
C LYS A 105 3.87 -10.42 6.20
N GLU A 106 3.62 -10.79 7.45
CA GLU A 106 2.56 -11.73 7.88
C GLU A 106 1.72 -11.05 8.97
N THR A 107 0.39 -11.16 8.88
CA THR A 107 -0.53 -10.26 9.60
C THR A 107 -0.54 -10.44 11.12
N ASN A 108 -0.49 -11.70 11.59
CA ASN A 108 -0.71 -12.18 12.97
C ASN A 108 -2.11 -11.84 13.56
N GLY A 109 -2.60 -10.62 13.41
CA GLY A 109 -3.94 -10.16 13.81
C GLY A 109 -5.03 -10.49 12.78
N LEU A 110 -5.17 -11.76 12.41
CA LEU A 110 -6.16 -12.30 11.45
C LEU A 110 -6.97 -13.50 11.99
N GLU A 2 22.02 -6.42 -21.18
CA GLU A 2 20.62 -6.64 -20.83
C GLU A 2 20.38 -6.46 -19.31
N ASP A 3 19.14 -6.12 -18.92
CA ASP A 3 18.74 -5.94 -17.51
C ASP A 3 18.52 -7.28 -16.79
N GLU A 4 18.90 -7.34 -15.50
CA GLU A 4 18.72 -8.50 -14.61
C GLU A 4 18.45 -8.03 -13.16
N VAL A 5 17.81 -6.86 -13.03
CA VAL A 5 17.75 -6.06 -11.80
C VAL A 5 16.41 -6.21 -11.10
N ALA A 6 16.48 -6.57 -9.82
CA ALA A 6 15.31 -6.82 -8.99
C ALA A 6 14.86 -5.54 -8.26
N GLN A 7 13.80 -4.97 -8.80
CA GLN A 7 13.02 -3.86 -8.24
C GLN A 7 11.54 -4.22 -8.03
N ARG A 8 11.23 -5.54 -7.98
CA ARG A 8 9.92 -6.09 -7.61
C ARG A 8 9.91 -6.49 -6.13
N ILE A 9 8.79 -6.23 -5.49
CA ILE A 9 8.48 -6.31 -4.05
C ILE A 9 7.22 -7.18 -3.91
N GLU A 10 7.26 -8.25 -3.14
CA GLU A 10 6.11 -9.17 -3.00
C GLU A 10 5.71 -9.47 -1.56
N PHE A 11 4.41 -9.75 -1.36
CA PHE A 11 3.83 -9.83 -0.01
C PHE A 11 2.96 -11.05 0.27
N ASP A 12 2.08 -11.43 -0.68
CA ASP A 12 1.07 -12.49 -0.46
C ASP A 12 0.69 -13.15 -1.80
N ASP A 13 -0.15 -12.48 -2.58
CA ASP A 13 -0.40 -12.73 -4.02
C ASP A 13 -0.04 -11.49 -4.87
N LEU A 14 0.24 -10.37 -4.20
CA LEU A 14 0.57 -9.06 -4.76
C LEU A 14 2.07 -8.92 -5.00
N VAL A 15 2.40 -8.32 -6.14
CA VAL A 15 3.75 -7.87 -6.48
C VAL A 15 3.77 -6.45 -7.01
N ILE A 16 4.46 -5.59 -6.28
CA ILE A 16 4.71 -4.18 -6.53
C ILE A 16 6.05 -4.02 -7.22
N ASP A 17 6.16 -3.06 -8.15
CA ASP A 17 7.26 -3.04 -9.11
C ASP A 17 7.73 -1.60 -9.37
N ASN A 18 8.85 -1.18 -8.76
CA ASN A 18 9.47 0.12 -9.08
C ASN A 18 10.27 0.05 -10.39
N GLY A 19 10.65 -1.16 -10.80
CA GLY A 19 11.24 -1.43 -12.12
C GLY A 19 10.32 -1.04 -13.29
N GLY A 20 9.01 -0.96 -13.06
CA GLY A 20 8.00 -0.49 -14.02
C GLY A 20 7.08 0.64 -13.53
N ARG A 21 7.16 1.01 -12.24
CA ARG A 21 6.21 1.88 -11.50
C ARG A 21 4.76 1.39 -11.62
N SER A 22 4.57 0.09 -11.43
CA SER A 22 3.30 -0.66 -11.60
C SER A 22 3.17 -1.78 -10.57
N VAL A 23 2.05 -2.52 -10.57
CA VAL A 23 1.88 -3.73 -9.75
C VAL A 23 1.04 -4.79 -10.48
N THR A 24 1.35 -6.05 -10.19
CA THR A 24 0.58 -7.27 -10.53
C THR A 24 -0.07 -7.79 -9.25
N LEU A 25 -1.31 -8.28 -9.31
CA LEU A 25 -1.85 -9.17 -8.28
C LEU A 25 -2.23 -10.49 -8.94
N ASN A 26 -1.93 -11.60 -8.27
CA ASN A 26 -2.47 -12.92 -8.58
C ASN A 26 -2.14 -13.37 -10.03
N GLY A 27 -0.97 -12.93 -10.53
CA GLY A 27 -0.52 -13.09 -11.92
C GLY A 27 -1.38 -12.37 -12.97
N GLU A 28 -2.12 -11.32 -12.57
CA GLU A 28 -3.26 -10.78 -13.32
C GLU A 28 -3.40 -9.24 -13.27
N LEU A 29 -2.29 -8.55 -12.98
CA LEU A 29 -1.99 -7.19 -13.50
C LEU A 29 -2.97 -6.13 -12.99
N VAL A 30 -2.82 -5.69 -11.72
CA VAL A 30 -3.72 -4.66 -11.15
C VAL A 30 -3.63 -3.38 -11.97
N ASP A 31 -2.39 -2.88 -12.10
CA ASP A 31 -2.08 -1.48 -12.40
C ASP A 31 -2.81 -0.45 -11.50
N PHE A 32 -2.23 -0.19 -10.32
CA PHE A 32 -2.62 0.92 -9.45
C PHE A 32 -2.44 2.31 -10.12
N THR A 33 -3.13 3.32 -9.59
CA THR A 33 -3.00 4.75 -10.01
C THR A 33 -1.62 5.30 -9.61
N SER A 34 -1.22 6.51 -10.04
CA SER A 34 0.06 7.09 -9.61
C SER A 34 0.17 7.22 -8.08
N ALA A 35 -0.80 7.86 -7.41
CA ALA A 35 -0.77 7.98 -5.95
C ALA A 35 -1.05 6.68 -5.22
N GLU A 36 -1.97 5.85 -5.72
CA GLU A 36 -2.30 4.60 -5.04
C GLU A 36 -1.09 3.66 -5.13
N TYR A 37 -0.43 3.57 -6.28
CA TYR A 37 0.87 2.91 -6.35
C TYR A 37 1.91 3.61 -5.47
N ASP A 38 2.02 4.95 -5.45
CA ASP A 38 2.98 5.61 -4.57
C ASP A 38 2.80 5.22 -3.10
N LEU A 39 1.58 5.37 -2.57
CA LEU A 39 1.30 5.12 -1.17
C LEU A 39 1.45 3.63 -0.86
N LEU A 40 1.02 2.78 -1.80
CA LEU A 40 1.15 1.34 -1.63
C LEU A 40 2.64 0.96 -1.58
N TRP A 41 3.44 1.36 -2.58
CA TRP A 41 4.91 1.26 -2.59
C TRP A 41 5.55 1.74 -1.29
N LEU A 42 5.20 2.94 -0.82
CA LEU A 42 5.68 3.48 0.45
C LEU A 42 5.44 2.48 1.60
N LEU A 43 4.20 2.00 1.72
CA LEU A 43 3.89 1.11 2.83
C LEU A 43 4.60 -0.25 2.65
N ALA A 44 4.51 -0.85 1.47
CA ALA A 44 5.13 -2.11 1.07
C ALA A 44 6.67 -2.11 1.16
N SER A 45 7.28 -0.96 0.92
CA SER A 45 8.73 -0.73 1.02
C SER A 45 9.14 -0.55 2.48
N ASN A 46 8.24 -0.03 3.34
CA ASN A 46 8.43 -0.14 4.79
C ASN A 46 7.89 -1.45 5.41
N ALA A 47 7.30 -2.36 4.63
CA ALA A 47 6.36 -3.34 5.16
C ALA A 47 6.89 -4.17 6.34
N GLY A 48 6.05 -4.21 7.39
CA GLY A 48 6.38 -4.65 8.75
C GLY A 48 6.66 -3.51 9.76
N ARG A 49 6.90 -2.28 9.28
CA ARG A 49 6.86 -1.01 10.06
C ARG A 49 5.50 -0.34 9.84
N ILE A 50 4.88 0.27 10.86
CA ILE A 50 3.62 1.04 10.69
C ILE A 50 3.90 2.45 10.17
N LEU A 51 3.03 2.97 9.28
CA LEU A 51 3.13 4.27 8.66
C LEU A 51 1.86 5.09 8.96
N SER A 52 1.94 6.25 9.62
CA SER A 52 0.81 7.02 10.23
C SER A 52 -0.27 7.67 9.31
N ARG A 53 -0.74 7.03 8.22
CA ARG A 53 -1.60 7.56 7.09
C ARG A 53 -1.08 8.82 6.35
N GLU A 54 -1.02 9.90 7.11
CA GLU A 54 -0.68 11.22 6.60
C GLU A 54 0.82 11.27 6.29
N ASP A 55 1.68 10.57 7.05
CA ASP A 55 3.12 10.51 6.83
C ASP A 55 3.45 10.01 5.41
N ILE A 56 2.76 8.95 5.03
CA ILE A 56 2.75 8.36 3.68
C ILE A 56 2.35 9.43 2.67
N PHE A 57 1.13 9.94 2.80
CA PHE A 57 0.60 10.88 1.79
C PHE A 57 1.43 12.16 1.63
N GLU A 58 1.95 12.63 2.74
CA GLU A 58 2.89 13.76 2.86
C GLU A 58 4.28 13.45 2.27
N ARG A 59 4.73 12.19 2.21
CA ARG A 59 5.82 11.79 1.30
C ARG A 59 5.40 11.94 -0.17
N LEU A 60 4.32 11.27 -0.60
CA LEU A 60 4.05 11.10 -2.05
C LEU A 60 3.33 12.25 -2.76
N ARG A 61 2.59 13.08 -2.02
CA ARG A 61 1.77 14.18 -2.54
C ARG A 61 1.75 15.36 -1.54
N GLY A 62 0.58 15.87 -1.17
CA GLY A 62 0.41 17.10 -0.38
C GLY A 62 0.39 18.38 -1.23
N ILE A 63 0.46 18.26 -2.57
CA ILE A 63 0.33 19.36 -3.54
C ILE A 63 -1.11 19.87 -3.53
N GLU A 64 -2.03 18.95 -3.81
CA GLU A 64 -3.49 19.11 -3.63
C GLU A 64 -4.17 17.72 -3.51
N TYR A 65 -5.08 17.58 -2.53
CA TYR A 65 -5.92 16.39 -2.34
C TYR A 65 -7.36 16.74 -1.89
N ASP A 66 -7.77 18.00 -2.07
CA ASP A 66 -9.08 18.53 -1.65
C ASP A 66 -10.22 18.08 -2.60
N GLY A 67 -10.62 16.82 -2.44
CA GLY A 67 -11.62 16.11 -3.25
C GLY A 67 -11.86 14.70 -2.69
N GLN A 68 -12.16 13.72 -3.55
CA GLN A 68 -12.32 12.32 -3.15
C GLN A 68 -11.02 11.68 -2.62
N ASP A 69 -9.85 12.26 -2.95
CA ASP A 69 -8.53 11.80 -2.53
C ASP A 69 -8.26 11.93 -1.02
N ARG A 70 -8.99 12.80 -0.32
CA ARG A 70 -8.87 13.02 1.14
C ARG A 70 -9.34 11.83 1.99
N SER A 71 -10.16 10.95 1.41
CA SER A 71 -10.77 9.79 2.08
C SER A 71 -9.81 8.59 2.15
N ILE A 72 -8.66 8.79 2.82
CA ILE A 72 -7.55 7.83 2.92
C ILE A 72 -7.99 6.39 3.27
N ASP A 73 -8.87 6.17 4.26
CA ASP A 73 -9.30 4.82 4.70
C ASP A 73 -10.15 4.09 3.69
N VAL A 74 -10.90 4.85 2.90
CA VAL A 74 -11.74 4.31 1.82
C VAL A 74 -10.90 3.96 0.62
N ARG A 75 -9.97 4.85 0.32
CA ARG A 75 -9.05 4.63 -0.77
C ARG A 75 -8.21 3.38 -0.49
N ILE A 76 -7.66 3.19 0.73
CA ILE A 76 -7.14 1.89 1.23
C ILE A 76 -8.17 0.77 1.11
N SER A 77 -9.43 0.99 1.45
CA SER A 77 -10.51 0.02 1.21
C SER A 77 -10.83 -0.25 -0.28
N ARG A 78 -10.20 0.46 -1.24
CA ARG A 78 -10.03 0.07 -2.66
C ARG A 78 -8.68 -0.60 -2.99
N ILE A 79 -7.57 -0.20 -2.34
CA ILE A 79 -6.31 -0.96 -2.40
C ILE A 79 -6.58 -2.40 -1.94
N ARG A 80 -7.35 -2.55 -0.86
CA ARG A 80 -7.89 -3.81 -0.29
C ARG A 80 -8.32 -4.83 -1.36
N PRO A 81 -9.39 -4.64 -2.17
CA PRO A 81 -9.72 -5.56 -3.25
C PRO A 81 -8.68 -5.58 -4.39
N LYS A 82 -7.95 -4.48 -4.65
CA LYS A 82 -6.84 -4.51 -5.63
C LYS A 82 -5.62 -5.34 -5.20
N ILE A 83 -5.48 -5.66 -3.91
CA ILE A 83 -4.45 -6.56 -3.38
C ILE A 83 -5.01 -7.90 -2.88
N GLY A 84 -6.19 -8.25 -3.38
CA GLY A 84 -6.83 -9.55 -3.14
C GLY A 84 -7.42 -9.71 -1.73
N ASP A 85 -7.53 -8.63 -0.98
CA ASP A 85 -7.79 -8.61 0.46
C ASP A 85 -9.28 -8.69 0.86
N ASP A 86 -9.55 -8.87 2.15
CA ASP A 86 -10.84 -9.26 2.76
C ASP A 86 -11.94 -8.18 2.74
N PRO A 87 -13.22 -8.55 2.94
CA PRO A 87 -14.36 -7.65 2.74
C PRO A 87 -14.46 -6.44 3.69
N GLU A 88 -14.17 -6.61 4.98
CA GLU A 88 -14.37 -5.57 6.01
C GLU A 88 -13.17 -4.59 6.09
N ASN A 89 -11.97 -5.14 5.98
CA ASN A 89 -10.66 -4.47 6.04
C ASN A 89 -9.61 -5.35 5.39
N PRO A 90 -8.55 -4.74 4.84
CA PRO A 90 -7.41 -5.49 4.39
C PRO A 90 -6.65 -6.03 5.60
N LYS A 91 -6.31 -7.32 5.60
CA LYS A 91 -5.29 -7.88 6.50
C LYS A 91 -3.92 -7.28 6.19
N ARG A 92 -3.69 -6.84 4.95
CA ARG A 92 -2.46 -6.18 4.50
C ARG A 92 -2.18 -4.84 5.15
N ILE A 93 -3.19 -4.01 5.49
CA ILE A 93 -2.93 -2.55 5.69
C ILE A 93 -3.42 -1.89 7.01
N LYS A 94 -4.71 -1.97 7.37
CA LYS A 94 -5.32 -0.91 8.20
C LYS A 94 -4.81 -0.81 9.65
N THR A 95 -4.45 0.41 10.06
CA THR A 95 -4.34 0.95 11.43
C THR A 95 -3.23 0.44 12.34
N VAL A 96 -2.99 -0.88 12.41
CA VAL A 96 -2.60 -1.61 13.63
C VAL A 96 -3.60 -1.31 14.77
N ARG A 97 -3.20 -1.03 16.02
CA ARG A 97 -4.09 -0.69 17.13
C ARG A 97 -4.79 0.65 16.94
N SER A 98 -4.01 1.73 16.72
CA SER A 98 -4.50 3.12 16.68
C SER A 98 -3.73 4.07 15.73
N LYS A 99 -2.77 3.58 14.93
CA LYS A 99 -1.68 4.40 14.36
C LYS A 99 -1.91 4.90 12.93
N GLY A 100 -1.91 4.00 11.94
CA GLY A 100 -1.76 4.41 10.53
C GLY A 100 -2.26 3.41 9.50
N TYR A 101 -1.33 3.00 8.65
CA TYR A 101 -1.36 1.90 7.74
C TYR A 101 -0.04 1.18 7.98
N LEU A 102 -0.09 0.01 8.59
CA LEU A 102 1.05 -0.89 8.52
C LEU A 102 0.78 -1.76 7.31
N PHE A 103 1.68 -1.73 6.33
CA PHE A 103 1.63 -2.82 5.39
C PHE A 103 2.35 -4.03 5.96
N VAL A 104 1.61 -5.09 6.25
CA VAL A 104 2.09 -6.29 6.92
C VAL A 104 2.99 -7.17 6.00
N LYS A 105 3.80 -8.02 6.63
CA LYS A 105 4.62 -9.08 6.01
C LYS A 105 5.16 -10.03 7.10
N GLU A 106 4.35 -10.93 7.68
CA GLU A 106 2.92 -11.20 7.46
C GLU A 106 2.03 -10.65 8.60
N THR A 107 0.71 -10.80 8.48
CA THR A 107 -0.29 -10.27 9.45
C THR A 107 -0.13 -10.83 10.87
N ASN A 108 0.39 -12.06 10.98
CA ASN A 108 0.67 -12.75 12.25
C ASN A 108 2.14 -12.59 12.73
N GLY A 109 2.94 -11.75 12.07
CA GLY A 109 4.33 -11.45 12.45
C GLY A 109 4.45 -10.66 13.76
N LEU A 110 5.60 -10.80 14.45
CA LEU A 110 5.92 -10.19 15.75
C LEU A 110 7.30 -9.50 15.72
N GLU A 2 27.89 -4.77 0.19
CA GLU A 2 27.00 -4.17 -0.82
C GLU A 2 26.02 -5.22 -1.39
N ASP A 3 24.83 -4.78 -1.79
CA ASP A 3 23.78 -5.62 -2.40
C ASP A 3 22.96 -4.81 -3.44
N GLU A 4 22.21 -5.53 -4.28
CA GLU A 4 21.35 -4.98 -5.33
C GLU A 4 20.03 -5.80 -5.40
N VAL A 5 18.95 -5.17 -5.86
CA VAL A 5 17.62 -5.78 -5.93
C VAL A 5 16.91 -5.57 -7.27
N ALA A 6 15.94 -6.44 -7.54
CA ALA A 6 15.18 -6.54 -8.79
C ALA A 6 14.18 -5.39 -9.05
N GLN A 7 14.06 -4.47 -8.09
CA GLN A 7 13.00 -3.45 -7.98
C GLN A 7 11.58 -4.04 -7.87
N ARG A 8 11.46 -5.35 -7.60
CA ARG A 8 10.22 -6.08 -7.29
C ARG A 8 10.11 -6.39 -5.81
N ILE A 9 8.91 -6.20 -5.28
CA ILE A 9 8.51 -6.27 -3.87
C ILE A 9 7.26 -7.16 -3.81
N GLU A 10 7.27 -8.22 -3.02
CA GLU A 10 6.11 -9.14 -2.89
C GLU A 10 5.68 -9.42 -1.46
N PHE A 11 4.39 -9.71 -1.29
CA PHE A 11 3.79 -9.76 0.07
C PHE A 11 2.89 -10.97 0.37
N ASP A 12 2.03 -11.36 -0.55
CA ASP A 12 1.00 -12.40 -0.32
C ASP A 12 0.69 -13.15 -1.63
N ASP A 13 -0.06 -12.50 -2.52
CA ASP A 13 -0.18 -12.81 -3.95
C ASP A 13 -0.03 -11.53 -4.82
N LEU A 14 0.24 -10.39 -4.18
CA LEU A 14 0.56 -9.08 -4.74
C LEU A 14 2.05 -8.96 -4.96
N VAL A 15 2.39 -8.37 -6.10
CA VAL A 15 3.75 -7.90 -6.41
C VAL A 15 3.74 -6.47 -6.93
N ILE A 16 4.51 -5.65 -6.24
CA ILE A 16 4.79 -4.26 -6.55
C ILE A 16 6.12 -4.18 -7.30
N ASP A 17 6.12 -3.50 -8.43
CA ASP A 17 7.17 -3.46 -9.44
C ASP A 17 7.56 -1.98 -9.66
N ASN A 18 8.53 -1.48 -8.88
CA ASN A 18 9.15 -0.17 -9.13
C ASN A 18 10.06 -0.21 -10.36
N GLY A 19 10.43 -1.42 -10.80
CA GLY A 19 11.05 -1.68 -12.10
C GLY A 19 10.21 -1.23 -13.29
N GLY A 20 8.88 -1.08 -13.10
CA GLY A 20 7.95 -0.51 -14.08
C GLY A 20 6.97 0.54 -13.54
N ARG A 21 7.17 1.02 -12.29
CA ARG A 21 6.28 1.92 -11.54
C ARG A 21 4.80 1.49 -11.55
N SER A 22 4.55 0.19 -11.36
CA SER A 22 3.22 -0.43 -11.38
C SER A 22 3.16 -1.66 -10.47
N VAL A 23 2.05 -2.42 -10.50
CA VAL A 23 1.86 -3.64 -9.70
C VAL A 23 1.02 -4.71 -10.43
N THR A 24 1.36 -5.97 -10.15
CA THR A 24 0.62 -7.20 -10.48
C THR A 24 -0.04 -7.75 -9.22
N LEU A 25 -1.26 -8.27 -9.31
CA LEU A 25 -1.81 -9.17 -8.29
C LEU A 25 -2.21 -10.47 -8.96
N ASN A 26 -1.97 -11.59 -8.30
CA ASN A 26 -2.56 -12.89 -8.65
C ASN A 26 -2.15 -13.33 -10.09
N GLY A 27 -0.97 -12.89 -10.53
CA GLY A 27 -0.44 -13.04 -11.90
C GLY A 27 -1.26 -12.30 -12.98
N GLU A 28 -2.02 -11.27 -12.60
CA GLU A 28 -3.13 -10.72 -13.40
C GLU A 28 -3.28 -9.18 -13.33
N LEU A 29 -2.18 -8.49 -13.04
CA LEU A 29 -1.88 -7.13 -13.52
C LEU A 29 -2.91 -6.09 -13.01
N VAL A 30 -2.79 -5.69 -11.74
CA VAL A 30 -3.72 -4.68 -11.16
C VAL A 30 -3.67 -3.40 -11.97
N ASP A 31 -2.44 -2.88 -12.13
CA ASP A 31 -2.14 -1.48 -12.46
C ASP A 31 -2.85 -0.46 -11.56
N PHE A 32 -2.28 -0.21 -10.38
CA PHE A 32 -2.68 0.88 -9.48
C PHE A 32 -2.54 2.28 -10.14
N THR A 33 -3.25 3.27 -9.61
CA THR A 33 -3.14 4.69 -10.03
C THR A 33 -1.76 5.25 -9.68
N SER A 34 -1.39 6.46 -10.12
CA SER A 34 -0.12 7.09 -9.71
C SER A 34 0.01 7.23 -8.19
N ALA A 35 -0.96 7.86 -7.51
CA ALA A 35 -0.92 7.99 -6.05
C ALA A 35 -1.15 6.69 -5.31
N GLU A 36 -2.05 5.84 -5.78
CA GLU A 36 -2.35 4.59 -5.08
C GLU A 36 -1.14 3.66 -5.18
N TYR A 37 -0.50 3.57 -6.35
CA TYR A 37 0.82 2.95 -6.43
C TYR A 37 1.85 3.68 -5.57
N ASP A 38 1.93 5.02 -5.55
CA ASP A 38 2.90 5.71 -4.67
C ASP A 38 2.73 5.32 -3.19
N LEU A 39 1.51 5.44 -2.66
CA LEU A 39 1.24 5.19 -1.25
C LEU A 39 1.44 3.70 -0.93
N LEU A 40 1.03 2.84 -1.88
CA LEU A 40 1.16 1.40 -1.71
C LEU A 40 2.65 1.03 -1.71
N TRP A 41 3.43 1.45 -2.71
CA TRP A 41 4.90 1.34 -2.71
C TRP A 41 5.55 1.82 -1.42
N LEU A 42 5.23 3.03 -0.96
CA LEU A 42 5.75 3.55 0.30
C LEU A 42 5.50 2.56 1.46
N LEU A 43 4.24 2.15 1.60
CA LEU A 43 3.79 1.27 2.66
C LEU A 43 4.51 -0.09 2.57
N ALA A 44 4.46 -0.73 1.39
CA ALA A 44 5.10 -1.99 1.03
C ALA A 44 6.64 -2.00 1.13
N SER A 45 7.26 -0.86 0.84
CA SER A 45 8.71 -0.64 0.92
C SER A 45 9.14 -0.50 2.38
N ASN A 46 8.26 0.04 3.24
CA ASN A 46 8.46 -0.03 4.70
C ASN A 46 7.83 -1.27 5.36
N ALA A 47 7.26 -2.20 4.61
CA ALA A 47 6.34 -3.21 5.15
C ALA A 47 6.91 -4.03 6.33
N GLY A 48 6.08 -4.14 7.36
CA GLY A 48 6.41 -4.62 8.71
C GLY A 48 6.69 -3.49 9.75
N ARG A 49 6.93 -2.25 9.29
CA ARG A 49 6.84 -1.01 10.07
C ARG A 49 5.46 -0.39 9.88
N ILE A 50 4.86 0.25 10.89
CA ILE A 50 3.64 1.06 10.71
C ILE A 50 3.97 2.44 10.15
N LEU A 51 3.09 2.97 9.29
CA LEU A 51 3.20 4.29 8.69
C LEU A 51 1.90 5.08 9.02
N SER A 52 1.93 6.27 9.62
CA SER A 52 0.79 6.97 10.26
C SER A 52 -0.39 7.53 9.40
N ARG A 53 -0.81 6.89 8.28
CA ARG A 53 -1.68 7.40 7.15
C ARG A 53 -1.19 8.70 6.44
N GLU A 54 -1.14 9.76 7.23
CA GLU A 54 -0.66 11.05 6.79
C GLU A 54 0.83 10.96 6.43
N ASP A 55 1.65 10.20 7.16
CA ASP A 55 3.10 10.07 6.94
C ASP A 55 3.40 9.65 5.48
N ILE A 56 2.63 8.65 5.04
CA ILE A 56 2.60 8.12 3.69
C ILE A 56 2.24 9.25 2.72
N PHE A 57 1.02 9.80 2.88
CA PHE A 57 0.55 10.78 1.89
C PHE A 57 1.41 12.04 1.80
N GLU A 58 1.92 12.47 2.93
CA GLU A 58 2.90 13.55 3.11
C GLU A 58 4.27 13.24 2.48
N ARG A 59 4.69 11.96 2.41
CA ARG A 59 5.78 11.54 1.50
C ARG A 59 5.40 11.78 0.04
N LEU A 60 4.29 11.21 -0.46
CA LEU A 60 4.03 11.21 -1.92
C LEU A 60 3.44 12.52 -2.50
N ARG A 61 2.36 13.04 -1.90
CA ARG A 61 1.55 14.18 -2.33
C ARG A 61 1.08 15.00 -1.12
N GLY A 62 -0.16 14.80 -0.64
CA GLY A 62 -0.79 15.62 0.40
C GLY A 62 -1.11 17.04 -0.07
N ILE A 63 -1.26 17.25 -1.39
CA ILE A 63 -1.38 18.57 -2.03
C ILE A 63 -2.81 19.14 -1.87
N GLU A 64 -2.98 20.42 -2.16
CA GLU A 64 -4.29 21.12 -2.17
C GLU A 64 -5.13 20.70 -3.39
N TYR A 65 -6.46 20.77 -3.26
CA TYR A 65 -7.42 20.42 -4.32
C TYR A 65 -8.69 21.30 -4.23
N ASP A 66 -9.35 21.53 -5.37
CA ASP A 66 -10.57 22.33 -5.50
C ASP A 66 -11.85 21.52 -5.18
N GLY A 67 -11.86 20.84 -4.03
CA GLY A 67 -12.97 19.99 -3.56
C GLY A 67 -12.63 19.20 -2.28
N GLN A 68 -13.67 18.61 -1.68
CA GLN A 68 -13.59 17.80 -0.45
C GLN A 68 -13.92 16.30 -0.68
N ASP A 69 -14.14 15.89 -1.92
CA ASP A 69 -14.40 14.51 -2.35
C ASP A 69 -13.09 13.70 -2.49
N ARG A 70 -12.33 13.63 -1.39
CA ARG A 70 -11.03 12.96 -1.24
C ARG A 70 -10.95 12.17 0.08
N SER A 71 -10.15 11.10 0.11
CA SER A 71 -10.05 10.18 1.26
C SER A 71 -8.69 9.48 1.37
N ILE A 72 -8.42 8.89 2.53
CA ILE A 72 -7.32 7.93 2.75
C ILE A 72 -7.84 6.53 3.11
N ASP A 73 -8.72 6.32 4.13
CA ASP A 73 -9.09 4.98 4.62
C ASP A 73 -9.96 4.21 3.61
N VAL A 74 -10.77 4.94 2.86
CA VAL A 74 -11.64 4.35 1.82
C VAL A 74 -10.84 3.97 0.60
N ARG A 75 -9.93 4.86 0.23
CA ARG A 75 -9.04 4.60 -0.88
C ARG A 75 -8.14 3.39 -0.55
N ILE A 76 -7.59 3.24 0.66
CA ILE A 76 -7.04 1.96 1.18
C ILE A 76 -8.07 0.81 1.09
N SER A 77 -9.32 1.05 1.43
CA SER A 77 -10.41 0.07 1.23
C SER A 77 -10.75 -0.21 -0.26
N ARG A 78 -10.13 0.48 -1.23
CA ARG A 78 -9.99 0.08 -2.65
C ARG A 78 -8.64 -0.59 -2.99
N ILE A 79 -7.52 -0.20 -2.35
CA ILE A 79 -6.26 -0.96 -2.41
C ILE A 79 -6.55 -2.39 -1.94
N ARG A 80 -7.31 -2.54 -0.86
CA ARG A 80 -7.87 -3.79 -0.30
C ARG A 80 -8.31 -4.80 -1.38
N PRO A 81 -9.38 -4.60 -2.18
CA PRO A 81 -9.73 -5.52 -3.26
C PRO A 81 -8.69 -5.55 -4.40
N LYS A 82 -7.94 -4.47 -4.67
CA LYS A 82 -6.83 -4.51 -5.64
C LYS A 82 -5.62 -5.35 -5.21
N ILE A 83 -5.48 -5.67 -3.92
CA ILE A 83 -4.44 -6.56 -3.39
C ILE A 83 -5.00 -7.89 -2.88
N GLY A 84 -6.19 -8.24 -3.36
CA GLY A 84 -6.82 -9.55 -3.11
C GLY A 84 -7.39 -9.72 -1.69
N ASP A 85 -7.50 -8.62 -0.95
CA ASP A 85 -7.73 -8.60 0.50
C ASP A 85 -9.20 -8.74 0.95
N ASP A 86 -9.41 -8.84 2.28
CA ASP A 86 -10.66 -9.18 2.98
C ASP A 86 -11.83 -8.20 2.72
N PRO A 87 -13.09 -8.62 2.96
CA PRO A 87 -14.27 -7.81 2.68
C PRO A 87 -14.46 -6.53 3.52
N GLU A 88 -14.08 -6.56 4.81
CA GLU A 88 -14.33 -5.46 5.76
C GLU A 88 -13.15 -4.49 5.89
N ASN A 89 -11.93 -5.03 5.82
CA ASN A 89 -10.64 -4.34 5.93
C ASN A 89 -9.55 -5.20 5.33
N PRO A 90 -8.50 -4.59 4.78
CA PRO A 90 -7.36 -5.36 4.34
C PRO A 90 -6.60 -5.89 5.56
N LYS A 91 -6.31 -7.19 5.57
CA LYS A 91 -5.30 -7.77 6.47
C LYS A 91 -3.91 -7.18 6.18
N ARG A 92 -3.67 -6.76 4.94
CA ARG A 92 -2.44 -6.10 4.49
C ARG A 92 -2.15 -4.78 5.15
N ILE A 93 -3.15 -3.94 5.47
CA ILE A 93 -2.89 -2.49 5.69
C ILE A 93 -3.40 -1.85 7.01
N LYS A 94 -4.69 -1.96 7.34
CA LYS A 94 -5.40 -0.92 8.11
C LYS A 94 -4.94 -0.78 9.58
N THR A 95 -4.61 0.46 10.00
CA THR A 95 -4.43 1.00 11.37
C THR A 95 -3.38 0.41 12.30
N VAL A 96 -3.15 -0.90 12.29
CA VAL A 96 -2.66 -1.70 13.46
C VAL A 96 -3.52 -1.50 14.72
N ARG A 97 -4.81 -1.16 14.50
CA ARG A 97 -5.83 -0.78 15.51
C ARG A 97 -5.51 0.47 16.37
N SER A 98 -4.46 1.23 16.06
CA SER A 98 -4.05 2.39 16.88
C SER A 98 -3.34 3.57 16.17
N LYS A 99 -2.76 3.38 14.97
CA LYS A 99 -1.75 4.30 14.41
C LYS A 99 -2.00 4.79 12.99
N GLY A 100 -1.98 3.90 11.98
CA GLY A 100 -1.77 4.33 10.60
C GLY A 100 -2.28 3.37 9.51
N TYR A 101 -1.33 2.98 8.68
CA TYR A 101 -1.34 1.90 7.73
C TYR A 101 -0.01 1.19 7.99
N LEU A 102 -0.06 0.01 8.61
CA LEU A 102 1.09 -0.87 8.55
C LEU A 102 0.81 -1.73 7.35
N PHE A 103 1.70 -1.72 6.37
CA PHE A 103 1.66 -2.78 5.40
C PHE A 103 2.37 -4.01 5.95
N VAL A 104 1.62 -5.05 6.26
CA VAL A 104 2.13 -6.29 6.88
C VAL A 104 2.97 -7.14 5.90
N LYS A 105 3.72 -8.10 6.46
CA LYS A 105 4.34 -9.22 5.71
C LYS A 105 3.63 -10.53 6.05
N GLU A 106 3.47 -10.82 7.34
CA GLU A 106 2.49 -11.77 7.89
C GLU A 106 1.68 -11.10 9.01
N THR A 107 0.37 -11.30 9.02
CA THR A 107 -0.58 -10.45 9.77
C THR A 107 -0.57 -10.68 11.29
N ASN A 108 -0.18 -11.89 11.74
CA ASN A 108 -0.11 -12.28 13.15
C ASN A 108 0.97 -13.35 13.42
N GLY A 109 1.41 -13.46 14.67
CA GLY A 109 2.24 -14.57 15.17
C GLY A 109 1.45 -15.87 15.38
N LEU A 110 2.17 -16.96 15.68
CA LEU A 110 1.64 -18.30 15.95
C LEU A 110 2.38 -18.99 17.11
N GLU A 2 28.70 -5.86 -13.03
CA GLU A 2 27.54 -6.75 -12.83
C GLU A 2 26.45 -6.14 -11.92
N ASP A 3 25.19 -6.51 -12.14
CA ASP A 3 24.02 -6.10 -11.35
C ASP A 3 23.09 -7.30 -11.07
N GLU A 4 22.34 -7.25 -9.96
CA GLU A 4 21.44 -8.33 -9.50
C GLU A 4 20.22 -7.74 -8.74
N VAL A 5 19.80 -6.54 -9.14
CA VAL A 5 18.94 -5.66 -8.34
C VAL A 5 17.46 -5.97 -8.53
N ALA A 6 16.81 -6.27 -7.41
CA ALA A 6 15.41 -6.62 -7.34
C ALA A 6 14.53 -5.38 -7.09
N GLN A 7 13.95 -4.92 -8.19
CA GLN A 7 13.07 -3.74 -8.26
C GLN A 7 11.56 -4.08 -8.11
N ARG A 8 11.24 -5.38 -7.97
CA ARG A 8 9.91 -5.91 -7.62
C ARG A 8 9.90 -6.35 -6.14
N ILE A 9 8.76 -6.15 -5.49
CA ILE A 9 8.46 -6.26 -4.06
C ILE A 9 7.22 -7.14 -3.92
N GLU A 10 7.26 -8.21 -3.14
CA GLU A 10 6.12 -9.15 -3.00
C GLU A 10 5.73 -9.47 -1.56
N PHE A 11 4.43 -9.74 -1.35
CA PHE A 11 3.86 -9.81 0.01
C PHE A 11 3.02 -11.05 0.31
N ASP A 12 2.12 -11.44 -0.60
CA ASP A 12 1.12 -12.49 -0.36
C ASP A 12 0.78 -13.22 -1.67
N ASP A 13 0.02 -12.55 -2.54
CA ASP A 13 -0.11 -12.84 -3.98
C ASP A 13 0.03 -11.56 -4.85
N LEU A 14 0.29 -10.42 -4.19
CA LEU A 14 0.57 -9.11 -4.76
C LEU A 14 2.07 -8.95 -5.00
N VAL A 15 2.39 -8.35 -6.13
CA VAL A 15 3.74 -7.89 -6.47
C VAL A 15 3.74 -6.47 -7.01
N ILE A 16 4.42 -5.60 -6.27
CA ILE A 16 4.67 -4.18 -6.53
C ILE A 16 6.00 -4.01 -7.23
N ASP A 17 6.09 -3.05 -8.14
CA ASP A 17 7.18 -3.00 -9.10
C ASP A 17 7.62 -1.55 -9.35
N ASN A 18 8.74 -1.11 -8.76
CA ASN A 18 9.35 0.19 -9.07
C ASN A 18 10.21 0.14 -10.35
N GLY A 19 10.58 -1.07 -10.77
CA GLY A 19 11.19 -1.32 -12.08
C GLY A 19 10.28 -0.94 -13.26
N GLY A 20 8.95 -0.86 -13.04
CA GLY A 20 7.96 -0.37 -13.99
C GLY A 20 6.97 0.66 -13.44
N ARG A 21 7.07 1.04 -12.15
CA ARG A 21 6.13 1.87 -11.37
C ARG A 21 4.67 1.48 -11.55
N SER A 22 4.41 0.18 -11.35
CA SER A 22 3.09 -0.44 -11.38
C SER A 22 3.05 -1.68 -10.47
N VAL A 23 1.97 -2.49 -10.52
CA VAL A 23 1.85 -3.75 -9.74
C VAL A 23 1.02 -4.81 -10.50
N THR A 24 1.34 -6.07 -10.20
CA THR A 24 0.60 -7.30 -10.53
C THR A 24 -0.06 -7.83 -9.26
N LEU A 25 -1.29 -8.34 -9.33
CA LEU A 25 -1.82 -9.23 -8.30
C LEU A 25 -2.22 -10.55 -8.97
N ASN A 26 -1.96 -11.67 -8.30
CA ASN A 26 -2.54 -12.96 -8.64
C ASN A 26 -2.15 -13.43 -10.07
N GLY A 27 -0.96 -12.99 -10.53
CA GLY A 27 -0.45 -13.15 -11.90
C GLY A 27 -1.28 -12.43 -12.98
N GLU A 28 -2.04 -11.40 -12.60
CA GLU A 28 -3.17 -10.88 -13.39
C GLU A 28 -3.33 -9.33 -13.34
N LEU A 29 -2.24 -8.63 -13.04
CA LEU A 29 -1.96 -7.27 -13.52
C LEU A 29 -2.99 -6.24 -13.01
N VAL A 30 -2.83 -5.78 -11.76
CA VAL A 30 -3.74 -4.77 -11.18
C VAL A 30 -3.68 -3.49 -12.01
N ASP A 31 -2.45 -2.99 -12.17
CA ASP A 31 -2.17 -1.58 -12.47
C ASP A 31 -2.87 -0.57 -11.54
N PHE A 32 -2.26 -0.29 -10.39
CA PHE A 32 -2.65 0.79 -9.48
C PHE A 32 -2.55 2.19 -10.15
N THR A 33 -3.24 3.18 -9.58
CA THR A 33 -3.14 4.61 -10.00
C THR A 33 -1.77 5.18 -9.65
N SER A 34 -1.40 6.38 -10.08
CA SER A 34 -0.13 7.01 -9.67
C SER A 34 -0.01 7.15 -8.14
N ALA A 35 -0.95 7.83 -7.47
CA ALA A 35 -0.92 7.97 -6.02
C ALA A 35 -1.17 6.65 -5.28
N GLU A 36 -2.07 5.81 -5.78
CA GLU A 36 -2.38 4.57 -5.08
C GLU A 36 -1.19 3.62 -5.14
N TYR A 37 -0.52 3.52 -6.30
CA TYR A 37 0.80 2.89 -6.36
C TYR A 37 1.81 3.62 -5.47
N ASP A 38 1.88 4.96 -5.44
CA ASP A 38 2.82 5.64 -4.56
C ASP A 38 2.65 5.26 -3.09
N LEU A 39 1.44 5.40 -2.56
CA LEU A 39 1.13 5.16 -1.15
C LEU A 39 1.29 3.66 -0.83
N LEU A 40 0.89 2.82 -1.77
CA LEU A 40 1.03 1.37 -1.62
C LEU A 40 2.53 1.00 -1.58
N TRP A 41 3.33 1.40 -2.58
CA TRP A 41 4.80 1.30 -2.59
C TRP A 41 5.43 1.77 -1.29
N LEU A 42 5.09 2.97 -0.84
CA LEU A 42 5.57 3.51 0.44
C LEU A 42 5.34 2.51 1.58
N LEU A 43 4.10 2.04 1.73
CA LEU A 43 3.82 1.14 2.83
C LEU A 43 4.54 -0.20 2.65
N ALA A 44 4.45 -0.80 1.46
CA ALA A 44 5.08 -2.06 1.07
C ALA A 44 6.62 -2.05 1.16
N SER A 45 7.22 -0.90 0.92
CA SER A 45 8.66 -0.64 1.01
C SER A 45 9.08 -0.44 2.47
N ASN A 46 8.17 0.03 3.35
CA ASN A 46 8.37 -0.08 4.79
C ASN A 46 7.86 -1.40 5.40
N ALA A 47 7.26 -2.32 4.63
CA ALA A 47 6.34 -3.32 5.17
C ALA A 47 6.89 -4.16 6.34
N GLY A 48 6.07 -4.22 7.39
CA GLY A 48 6.40 -4.70 8.75
C GLY A 48 6.67 -3.57 9.78
N ARG A 49 6.92 -2.34 9.32
CA ARG A 49 6.86 -1.08 10.09
C ARG A 49 5.52 -0.40 9.86
N ILE A 50 4.90 0.21 10.87
CA ILE A 50 3.62 0.96 10.74
C ILE A 50 3.86 2.38 10.23
N LEU A 51 3.00 2.87 9.33
CA LEU A 51 3.12 4.16 8.70
C LEU A 51 1.86 4.99 9.00
N SER A 52 1.97 6.13 9.69
CA SER A 52 0.87 6.90 10.33
C SER A 52 -0.22 7.58 9.44
N ARG A 53 -0.66 6.98 8.32
CA ARG A 53 -1.50 7.54 7.19
C ARG A 53 -1.00 8.83 6.51
N GLU A 54 -0.89 9.88 7.31
CA GLU A 54 -0.48 11.20 6.85
C GLU A 54 0.99 11.19 6.46
N ASP A 55 1.86 10.45 7.18
CA ASP A 55 3.30 10.35 6.89
C ASP A 55 3.57 9.89 5.45
N ILE A 56 2.83 8.85 5.06
CA ILE A 56 2.75 8.30 3.72
C ILE A 56 2.34 9.41 2.74
N PHE A 57 1.12 9.94 2.91
CA PHE A 57 0.60 10.89 1.92
C PHE A 57 1.42 12.17 1.78
N GLU A 58 1.98 12.61 2.89
CA GLU A 58 2.92 13.72 3.00
C GLU A 58 4.28 13.43 2.33
N ARG A 59 4.73 12.16 2.26
CA ARG A 59 5.78 11.76 1.30
C ARG A 59 5.32 11.91 -0.16
N LEU A 60 4.21 11.26 -0.56
CA LEU A 60 3.89 11.16 -2.01
C LEU A 60 3.22 12.40 -2.64
N ARG A 61 2.47 13.20 -1.88
CA ARG A 61 1.81 14.43 -2.34
C ARG A 61 2.21 15.64 -1.48
N GLY A 62 1.36 16.07 -0.55
CA GLY A 62 1.49 17.39 0.10
C GLY A 62 1.25 18.57 -0.85
N ILE A 63 0.49 18.33 -1.93
CA ILE A 63 0.20 19.28 -3.03
C ILE A 63 -0.91 20.27 -2.60
N GLU A 64 -1.27 21.20 -3.49
CA GLU A 64 -2.30 22.24 -3.26
C GLU A 64 -3.74 21.69 -3.14
N TYR A 65 -3.95 20.40 -3.43
CA TYR A 65 -5.22 19.67 -3.28
C TYR A 65 -5.05 18.46 -2.35
N ASP A 66 -6.00 18.26 -1.44
CA ASP A 66 -5.94 17.30 -0.33
C ASP A 66 -7.10 16.27 -0.29
N GLY A 67 -8.21 16.53 -1.00
CA GLY A 67 -9.41 15.67 -1.00
C GLY A 67 -10.19 15.68 0.32
N GLN A 68 -11.10 14.71 0.48
CA GLN A 68 -11.92 14.53 1.68
C GLN A 68 -11.11 13.97 2.87
N ASP A 69 -11.52 14.25 4.10
CA ASP A 69 -10.85 13.80 5.34
C ASP A 69 -10.82 12.26 5.50
N ARG A 70 -11.83 11.57 4.95
CA ARG A 70 -11.95 10.09 4.93
C ARG A 70 -11.27 9.43 3.72
N SER A 71 -10.72 10.21 2.78
CA SER A 71 -10.19 9.71 1.50
C SER A 71 -9.10 8.65 1.66
N ILE A 72 -8.21 8.79 2.64
CA ILE A 72 -7.17 7.80 2.96
C ILE A 72 -7.77 6.42 3.32
N ASP A 73 -8.74 6.31 4.25
CA ASP A 73 -9.38 5.03 4.64
C ASP A 73 -10.09 4.35 3.48
N VAL A 74 -10.58 5.15 2.53
CA VAL A 74 -11.42 4.64 1.44
C VAL A 74 -10.57 4.14 0.32
N ARG A 75 -9.56 4.94 -0.02
CA ARG A 75 -8.65 4.52 -1.05
C ARG A 75 -7.86 3.29 -0.61
N ILE A 76 -7.42 3.15 0.65
CA ILE A 76 -7.00 1.86 1.25
C ILE A 76 -8.08 0.78 1.11
N SER A 77 -9.35 1.07 1.42
CA SER A 77 -10.45 0.14 1.13
C SER A 77 -10.72 -0.14 -0.38
N ARG A 78 -10.02 0.53 -1.32
CA ARG A 78 -9.86 0.12 -2.74
C ARG A 78 -8.52 -0.60 -3.04
N ILE A 79 -7.41 -0.23 -2.38
CA ILE A 79 -6.17 -1.05 -2.40
C ILE A 79 -6.53 -2.46 -1.94
N ARG A 80 -7.32 -2.57 -0.87
CA ARG A 80 -7.92 -3.80 -0.30
C ARG A 80 -8.36 -4.82 -1.38
N PRO A 81 -9.41 -4.60 -2.21
CA PRO A 81 -9.75 -5.52 -3.29
C PRO A 81 -8.69 -5.57 -4.41
N LYS A 82 -7.92 -4.50 -4.68
CA LYS A 82 -6.81 -4.57 -5.65
C LYS A 82 -5.62 -5.42 -5.22
N ILE A 83 -5.48 -5.73 -3.93
CA ILE A 83 -4.45 -6.63 -3.39
C ILE A 83 -5.02 -7.96 -2.89
N GLY A 84 -6.20 -8.30 -3.37
CA GLY A 84 -6.85 -9.60 -3.12
C GLY A 84 -7.44 -9.75 -1.71
N ASP A 85 -7.55 -8.64 -0.96
CA ASP A 85 -7.80 -8.62 0.47
C ASP A 85 -9.29 -8.72 0.92
N ASP A 86 -9.50 -8.80 2.23
CA ASP A 86 -10.77 -9.09 2.94
C ASP A 86 -11.92 -8.10 2.66
N PRO A 87 -13.18 -8.48 2.94
CA PRO A 87 -14.36 -7.65 2.62
C PRO A 87 -14.52 -6.35 3.41
N GLU A 88 -14.13 -6.32 4.70
CA GLU A 88 -14.38 -5.17 5.61
C GLU A 88 -13.14 -4.28 5.82
N ASN A 89 -11.96 -4.89 5.79
CA ASN A 89 -10.63 -4.26 5.89
C ASN A 89 -9.56 -5.17 5.33
N PRO A 90 -8.50 -4.59 4.74
CA PRO A 90 -7.37 -5.38 4.30
C PRO A 90 -6.60 -5.90 5.52
N LYS A 91 -6.35 -7.21 5.55
CA LYS A 91 -5.36 -7.82 6.45
C LYS A 91 -3.95 -7.28 6.17
N ARG A 92 -3.69 -6.87 4.92
CA ARG A 92 -2.45 -6.23 4.50
C ARG A 92 -2.16 -4.90 5.15
N ILE A 93 -3.16 -4.07 5.52
CA ILE A 93 -2.91 -2.62 5.75
C ILE A 93 -3.40 -1.98 7.08
N LYS A 94 -4.70 -2.08 7.40
CA LYS A 94 -5.42 -0.95 8.02
C LYS A 94 -5.10 -0.71 9.51
N THR A 95 -4.69 0.51 9.88
CA THR A 95 -4.58 1.06 11.26
C THR A 95 -3.53 0.50 12.21
N VAL A 96 -3.33 -0.83 12.21
CA VAL A 96 -2.73 -1.72 13.21
C VAL A 96 -3.46 -1.74 14.56
N ARG A 97 -3.63 -0.58 15.21
CA ARG A 97 -4.28 -0.39 16.52
C ARG A 97 -5.02 0.94 16.58
N SER A 98 -4.27 2.04 16.47
CA SER A 98 -4.77 3.42 16.34
C SER A 98 -3.79 4.34 15.59
N LYS A 99 -2.84 3.77 14.81
CA LYS A 99 -1.66 4.50 14.29
C LYS A 99 -1.82 4.98 12.85
N GLY A 100 -2.01 4.07 11.90
CA GLY A 100 -1.79 4.41 10.49
C GLY A 100 -2.29 3.40 9.49
N TYR A 101 -1.33 2.91 8.72
CA TYR A 101 -1.38 1.82 7.79
C TYR A 101 -0.06 1.10 8.03
N LEU A 102 -0.12 -0.07 8.66
CA LEU A 102 1.03 -0.98 8.57
C LEU A 102 0.75 -1.82 7.35
N PHE A 103 1.63 -1.77 6.36
CA PHE A 103 1.62 -2.85 5.41
C PHE A 103 2.36 -4.05 5.98
N VAL A 104 1.62 -5.09 6.31
CA VAL A 104 2.11 -6.31 6.98
C VAL A 104 3.03 -7.14 6.05
N LYS A 105 3.81 -8.05 6.65
CA LYS A 105 4.45 -9.18 5.94
C LYS A 105 3.68 -10.47 6.20
N GLU A 106 3.35 -10.71 7.46
CA GLU A 106 2.45 -11.73 7.98
C GLU A 106 1.53 -11.07 9.03
N THR A 107 0.22 -11.31 8.96
CA THR A 107 -0.77 -10.56 9.75
C THR A 107 -0.76 -10.97 11.23
N ASN A 108 -0.97 -9.99 12.13
CA ASN A 108 -0.92 -10.16 13.59
C ASN A 108 -2.19 -10.80 14.21
N GLY A 109 -3.22 -11.09 13.41
CA GLY A 109 -4.49 -11.68 13.84
C GLY A 109 -5.40 -10.72 14.62
N LEU A 110 -6.40 -11.28 15.30
CA LEU A 110 -7.42 -10.60 16.11
C LEU A 110 -7.47 -11.15 17.55
N GLU A 2 26.27 3.20 -4.40
CA GLU A 2 26.18 2.49 -5.69
C GLU A 2 24.84 1.75 -5.81
N ASP A 3 24.26 1.71 -7.02
CA ASP A 3 22.93 1.12 -7.27
C ASP A 3 22.95 -0.42 -7.28
N GLU A 4 22.08 -1.03 -6.48
CA GLU A 4 21.84 -2.49 -6.40
C GLU A 4 20.37 -2.76 -5.99
N VAL A 5 19.46 -1.93 -6.50
CA VAL A 5 18.10 -1.73 -5.94
C VAL A 5 17.13 -2.81 -6.38
N ALA A 6 16.45 -3.38 -5.39
CA ALA A 6 15.34 -4.29 -5.58
C ALA A 6 14.09 -3.54 -6.06
N GLN A 7 13.85 -3.71 -7.36
CA GLN A 7 12.80 -3.04 -8.13
C GLN A 7 11.45 -3.79 -8.12
N ARG A 8 11.41 -4.99 -7.53
CA ARG A 8 10.21 -5.79 -7.25
C ARG A 8 10.11 -6.13 -5.77
N ILE A 9 8.89 -6.00 -5.25
CA ILE A 9 8.49 -6.10 -3.84
C ILE A 9 7.27 -7.02 -3.79
N GLU A 10 7.30 -8.08 -3.00
CA GLU A 10 6.17 -9.03 -2.90
C GLU A 10 5.74 -9.33 -1.46
N PHE A 11 4.46 -9.67 -1.30
CA PHE A 11 3.83 -9.73 0.06
C PHE A 11 2.99 -10.97 0.34
N ASP A 12 2.14 -11.38 -0.60
CA ASP A 12 1.13 -12.44 -0.38
C ASP A 12 0.88 -13.20 -1.70
N ASP A 13 0.11 -12.58 -2.59
CA ASP A 13 0.01 -12.89 -4.02
C ASP A 13 0.13 -11.59 -4.88
N LEU A 14 0.37 -10.46 -4.21
CA LEU A 14 0.65 -9.14 -4.76
C LEU A 14 2.15 -8.97 -4.98
N VAL A 15 2.48 -8.37 -6.11
CA VAL A 15 3.82 -7.88 -6.43
C VAL A 15 3.77 -6.45 -6.95
N ILE A 16 4.50 -5.59 -6.26
CA ILE A 16 4.75 -4.21 -6.58
C ILE A 16 6.08 -4.09 -7.31
N ASP A 17 6.04 -3.46 -8.47
CA ASP A 17 7.13 -3.33 -9.44
C ASP A 17 7.47 -1.83 -9.58
N ASN A 18 8.38 -1.33 -8.74
CA ASN A 18 8.90 0.04 -8.81
C ASN A 18 9.81 0.23 -10.03
N GLY A 19 10.31 -0.88 -10.59
CA GLY A 19 10.99 -0.92 -11.88
C GLY A 19 10.14 -0.38 -13.05
N GLY A 20 8.81 -0.37 -12.91
CA GLY A 20 7.87 0.22 -13.87
C GLY A 20 6.77 1.13 -13.27
N ARG A 21 6.88 1.49 -11.98
CA ARG A 21 5.84 2.17 -11.18
C ARG A 21 4.44 1.55 -11.35
N SER A 22 4.37 0.22 -11.27
CA SER A 22 3.19 -0.62 -11.55
C SER A 22 3.09 -1.80 -10.57
N VAL A 23 1.98 -2.55 -10.60
CA VAL A 23 1.82 -3.76 -9.77
C VAL A 23 1.02 -4.87 -10.48
N THR A 24 1.39 -6.11 -10.19
CA THR A 24 0.66 -7.35 -10.51
C THR A 24 0.01 -7.90 -9.24
N LEU A 25 -1.21 -8.43 -9.32
CA LEU A 25 -1.74 -9.34 -8.30
C LEU A 25 -2.10 -10.65 -8.98
N ASN A 26 -1.81 -11.78 -8.32
CA ASN A 26 -2.37 -13.09 -8.66
C ASN A 26 -1.98 -13.52 -10.10
N GLY A 27 -0.80 -13.06 -10.56
CA GLY A 27 -0.29 -13.20 -11.94
C GLY A 27 -1.14 -12.50 -13.01
N GLU A 28 -1.90 -11.48 -12.63
CA GLU A 28 -3.04 -10.96 -13.41
C GLU A 28 -3.21 -9.43 -13.36
N LEU A 29 -2.13 -8.70 -13.05
CA LEU A 29 -1.87 -7.34 -13.54
C LEU A 29 -2.90 -6.31 -13.05
N VAL A 30 -2.80 -5.90 -11.78
CA VAL A 30 -3.73 -4.91 -11.20
C VAL A 30 -3.69 -3.62 -12.01
N ASP A 31 -2.48 -3.08 -12.15
CA ASP A 31 -2.21 -1.69 -12.51
C ASP A 31 -2.97 -0.65 -11.64
N PHE A 32 -2.41 -0.40 -10.45
CA PHE A 32 -2.80 0.68 -9.55
C PHE A 32 -2.72 2.07 -10.21
N THR A 33 -3.50 3.03 -9.69
CA THR A 33 -3.44 4.47 -10.08
C THR A 33 -2.07 5.06 -9.70
N SER A 34 -1.70 6.25 -10.19
CA SER A 34 -0.43 6.89 -9.79
C SER A 34 -0.29 7.07 -8.28
N ALA A 35 -1.23 7.77 -7.63
CA ALA A 35 -1.20 7.95 -6.19
C ALA A 35 -1.45 6.65 -5.43
N GLU A 36 -2.39 5.81 -5.87
CA GLU A 36 -2.70 4.58 -5.15
C GLU A 36 -1.49 3.65 -5.17
N TYR A 37 -0.83 3.51 -6.33
CA TYR A 37 0.48 2.88 -6.39
C TYR A 37 1.51 3.61 -5.52
N ASP A 38 1.60 4.95 -5.49
CA ASP A 38 2.56 5.60 -4.61
C ASP A 38 2.36 5.30 -3.12
N LEU A 39 1.13 5.45 -2.62
CA LEU A 39 0.79 5.26 -1.21
C LEU A 39 0.96 3.78 -0.83
N LEU A 40 0.59 2.91 -1.78
CA LEU A 40 0.81 1.47 -1.64
C LEU A 40 2.31 1.15 -1.61
N TRP A 41 3.12 1.62 -2.56
CA TRP A 41 4.58 1.49 -2.58
C TRP A 41 5.22 1.95 -1.29
N LEU A 42 4.87 3.14 -0.81
CA LEU A 42 5.35 3.64 0.48
C LEU A 42 5.09 2.62 1.59
N LEU A 43 3.83 2.17 1.68
CA LEU A 43 3.42 1.23 2.71
C LEU A 43 4.20 -0.10 2.59
N ALA A 44 4.20 -0.70 1.40
CA ALA A 44 4.87 -1.94 1.04
C ALA A 44 6.41 -1.91 1.15
N SER A 45 7.01 -0.76 0.86
CA SER A 45 8.45 -0.51 0.94
C SER A 45 8.88 -0.37 2.39
N ASN A 46 8.00 0.13 3.27
CA ASN A 46 8.23 0.04 4.71
C ASN A 46 7.68 -1.25 5.36
N ALA A 47 7.07 -2.16 4.59
CA ALA A 47 6.20 -3.21 5.13
C ALA A 47 6.83 -4.04 6.27
N GLY A 48 6.04 -4.23 7.32
CA GLY A 48 6.44 -4.73 8.65
C GLY A 48 6.73 -3.64 9.68
N ARG A 49 6.94 -2.37 9.26
CA ARG A 49 6.86 -1.15 10.07
C ARG A 49 5.49 -0.50 9.88
N ILE A 50 4.88 0.08 10.93
CA ILE A 50 3.63 0.87 10.79
C ILE A 50 3.94 2.25 10.20
N LEU A 51 3.02 2.78 9.39
CA LEU A 51 3.13 4.08 8.75
C LEU A 51 1.90 4.90 9.14
N SER A 52 2.05 6.02 9.86
CA SER A 52 0.93 6.92 10.21
C SER A 52 0.41 7.60 8.94
N ARG A 53 -0.88 7.48 8.60
CA ARG A 53 -1.52 7.81 7.27
C ARG A 53 -0.97 9.07 6.55
N GLU A 54 -0.74 10.08 7.36
CA GLU A 54 -0.21 11.36 6.94
C GLU A 54 1.25 11.27 6.47
N ASP A 55 2.13 10.52 7.16
CA ASP A 55 3.54 10.30 6.78
C ASP A 55 3.67 9.76 5.36
N ILE A 56 2.80 8.77 5.04
CA ILE A 56 2.65 8.22 3.69
C ILE A 56 2.33 9.35 2.71
N PHE A 57 1.16 9.99 2.88
CA PHE A 57 0.71 10.96 1.87
C PHE A 57 1.60 12.20 1.74
N GLU A 58 2.14 12.63 2.85
CA GLU A 58 3.12 13.72 2.99
C GLU A 58 4.48 13.39 2.37
N ARG A 59 4.90 12.11 2.30
CA ARG A 59 5.99 11.69 1.40
C ARG A 59 5.56 11.83 -0.07
N LEU A 60 4.44 11.21 -0.48
CA LEU A 60 4.17 11.03 -1.92
C LEU A 60 3.57 12.24 -2.66
N ARG A 61 2.86 13.12 -1.96
CA ARG A 61 2.10 14.25 -2.56
C ARG A 61 2.20 15.56 -1.78
N GLY A 62 2.09 15.51 -0.45
CA GLY A 62 2.40 16.64 0.44
C GLY A 62 1.57 17.90 0.20
N ILE A 63 0.23 17.77 0.17
CA ILE A 63 -0.67 18.90 -0.17
C ILE A 63 -0.54 20.04 0.87
N GLU A 64 -0.80 21.27 0.44
CA GLU A 64 -0.52 22.49 1.23
C GLU A 64 -1.76 23.32 1.61
N TYR A 65 -2.87 23.19 0.86
CA TYR A 65 -4.04 24.09 0.94
C TYR A 65 -5.39 23.35 0.99
N ASP A 66 -5.39 22.03 1.24
CA ASP A 66 -6.59 21.18 1.17
C ASP A 66 -7.54 21.36 2.36
N GLY A 67 -7.02 21.68 3.56
CA GLY A 67 -7.79 22.01 4.76
C GLY A 67 -8.69 20.89 5.33
N GLN A 68 -8.41 19.62 4.99
CA GLN A 68 -9.29 18.46 5.23
C GLN A 68 -8.55 17.26 5.85
N ASP A 69 -9.31 16.26 6.31
CA ASP A 69 -8.78 14.99 6.85
C ASP A 69 -8.27 14.01 5.77
N ARG A 70 -8.57 14.29 4.48
CA ARG A 70 -8.21 13.52 3.27
C ARG A 70 -8.84 12.11 3.19
N SER A 71 -8.83 11.52 2.00
CA SER A 71 -9.53 10.25 1.67
C SER A 71 -8.61 9.01 1.69
N ILE A 72 -7.48 9.08 2.39
CA ILE A 72 -6.51 7.98 2.61
C ILE A 72 -7.17 6.62 2.96
N ASP A 73 -8.17 6.59 3.86
CA ASP A 73 -8.83 5.34 4.28
C ASP A 73 -9.60 4.67 3.13
N VAL A 74 -10.07 5.50 2.20
CA VAL A 74 -10.79 5.02 1.00
C VAL A 74 -9.83 4.42 0.02
N ARG A 75 -8.70 5.08 -0.22
CA ARG A 75 -7.71 4.49 -1.11
C ARG A 75 -7.33 3.13 -0.56
N ILE A 76 -6.97 3.02 0.73
CA ILE A 76 -6.70 1.71 1.36
C ILE A 76 -7.86 0.75 1.18
N SER A 77 -9.10 1.23 1.33
CA SER A 77 -10.29 0.39 1.08
C SER A 77 -10.53 0.01 -0.41
N ARG A 78 -9.80 0.61 -1.37
CA ARG A 78 -9.63 0.16 -2.77
C ARG A 78 -8.36 -0.68 -3.02
N ILE A 79 -7.23 -0.35 -2.38
CA ILE A 79 -6.03 -1.20 -2.41
C ILE A 79 -6.46 -2.58 -1.89
N ARG A 80 -7.22 -2.62 -0.80
CA ARG A 80 -7.86 -3.81 -0.20
C ARG A 80 -8.34 -4.83 -1.26
N PRO A 81 -9.38 -4.60 -2.10
CA PRO A 81 -9.74 -5.54 -3.16
C PRO A 81 -8.71 -5.66 -4.28
N LYS A 82 -7.92 -4.61 -4.60
CA LYS A 82 -6.84 -4.72 -5.62
C LYS A 82 -5.66 -5.59 -5.22
N ILE A 83 -5.47 -5.86 -3.92
CA ILE A 83 -4.43 -6.76 -3.41
C ILE A 83 -4.99 -8.09 -2.90
N GLY A 84 -6.19 -8.43 -3.39
CA GLY A 84 -6.84 -9.71 -3.14
C GLY A 84 -7.50 -9.82 -1.76
N ASP A 85 -7.57 -8.70 -1.02
CA ASP A 85 -7.90 -8.64 0.41
C ASP A 85 -9.40 -8.62 0.75
N ASP A 86 -9.71 -8.81 2.03
CA ASP A 86 -11.02 -9.11 2.61
C ASP A 86 -12.03 -7.94 2.64
N PRO A 87 -13.33 -8.26 2.82
CA PRO A 87 -14.38 -7.29 3.12
C PRO A 87 -14.16 -6.50 4.42
N GLU A 88 -14.56 -5.22 4.42
CA GLU A 88 -14.61 -4.23 5.52
C GLU A 88 -13.25 -3.76 6.06
N ASN A 89 -12.23 -4.57 5.83
CA ASN A 89 -10.81 -4.27 6.03
C ASN A 89 -9.89 -5.25 5.30
N PRO A 90 -8.73 -4.75 4.84
CA PRO A 90 -7.64 -5.61 4.44
C PRO A 90 -6.98 -6.23 5.69
N LYS A 91 -6.49 -7.47 5.58
CA LYS A 91 -5.48 -8.01 6.49
C LYS A 91 -4.09 -7.41 6.23
N ARG A 92 -3.84 -6.93 5.00
CA ARG A 92 -2.57 -6.32 4.59
C ARG A 92 -2.25 -5.01 5.27
N ILE A 93 -3.24 -4.19 5.64
CA ILE A 93 -2.97 -2.73 5.88
C ILE A 93 -3.47 -2.09 7.19
N LYS A 94 -4.77 -2.18 7.50
CA LYS A 94 -5.47 -1.14 8.28
C LYS A 94 -5.01 -1.01 9.75
N THR A 95 -4.75 0.24 10.19
CA THR A 95 -4.56 0.74 11.57
C THR A 95 -3.42 0.21 12.42
N VAL A 96 -3.28 -1.11 12.56
CA VAL A 96 -2.55 -1.82 13.65
C VAL A 96 -3.23 -1.72 15.04
N ARG A 97 -4.48 -1.24 15.07
CA ARG A 97 -5.32 -0.99 16.28
C ARG A 97 -4.58 -0.26 17.43
N SER A 98 -4.21 1.02 17.29
CA SER A 98 -4.38 1.90 16.12
C SER A 98 -3.27 2.96 16.05
N LYS A 99 -2.76 3.21 14.84
CA LYS A 99 -1.67 4.15 14.54
C LYS A 99 -1.76 4.73 13.12
N GLY A 100 -1.94 3.88 12.12
CA GLY A 100 -1.83 4.26 10.71
C GLY A 100 -2.31 3.22 9.71
N TYR A 101 -1.36 2.83 8.89
CA TYR A 101 -1.40 1.71 7.99
C TYR A 101 -0.08 0.99 8.23
N LEU A 102 -0.15 -0.22 8.81
CA LEU A 102 0.98 -1.12 8.68
C LEU A 102 0.68 -1.96 7.47
N PHE A 103 1.52 -1.87 6.45
CA PHE A 103 1.51 -2.92 5.46
C PHE A 103 2.29 -4.12 5.99
N VAL A 104 1.58 -5.19 6.29
CA VAL A 104 2.11 -6.44 6.87
C VAL A 104 2.95 -7.25 5.87
N LYS A 105 3.71 -8.22 6.39
CA LYS A 105 4.36 -9.30 5.61
C LYS A 105 3.67 -10.64 5.90
N GLU A 106 3.50 -10.97 7.17
CA GLU A 106 2.52 -11.94 7.68
C GLU A 106 1.69 -11.28 8.79
N THR A 107 0.40 -11.60 8.89
CA THR A 107 -0.60 -10.87 9.71
C THR A 107 -0.60 -11.30 11.19
N ASN A 108 0.59 -11.42 11.79
CA ASN A 108 0.79 -11.77 13.20
C ASN A 108 0.57 -10.56 14.14
N GLY A 109 0.36 -10.84 15.43
CA GLY A 109 0.24 -9.83 16.49
C GLY A 109 1.57 -9.14 16.86
N LEU A 110 1.49 -8.07 17.66
CA LEU A 110 2.61 -7.25 18.15
C LEU A 110 2.48 -6.87 19.63
N GLU A 2 28.28 -9.22 -3.82
CA GLU A 2 27.77 -9.56 -5.16
C GLU A 2 26.22 -9.59 -5.26
N ASP A 3 25.55 -8.82 -4.41
CA ASP A 3 24.10 -8.69 -4.32
C ASP A 3 23.50 -7.82 -5.46
N GLU A 4 22.26 -8.13 -5.86
CA GLU A 4 21.50 -7.44 -6.90
C GLU A 4 19.99 -7.59 -6.63
N VAL A 5 19.19 -6.59 -6.99
CA VAL A 5 17.73 -6.57 -6.78
C VAL A 5 16.95 -6.21 -8.04
N ALA A 6 15.70 -6.71 -8.10
CA ALA A 6 14.81 -6.58 -9.26
C ALA A 6 13.94 -5.30 -9.27
N GLN A 7 13.93 -4.54 -8.17
CA GLN A 7 12.94 -3.48 -7.86
C GLN A 7 11.47 -3.94 -7.84
N ARG A 8 11.23 -5.25 -7.83
CA ARG A 8 9.92 -5.87 -7.55
C ARG A 8 9.89 -6.34 -6.07
N ILE A 9 8.74 -6.12 -5.43
CA ILE A 9 8.44 -6.22 -4.00
C ILE A 9 7.19 -7.10 -3.86
N GLU A 10 7.22 -8.16 -3.06
CA GLU A 10 6.09 -9.09 -2.92
C GLU A 10 5.68 -9.38 -1.48
N PHE A 11 4.39 -9.69 -1.29
CA PHE A 11 3.80 -9.77 0.07
C PHE A 11 2.94 -11.00 0.35
N ASP A 12 2.06 -11.39 -0.58
CA ASP A 12 1.07 -12.45 -0.36
C ASP A 12 0.77 -13.19 -1.69
N ASP A 13 0.02 -12.53 -2.58
CA ASP A 13 -0.09 -12.83 -4.01
C ASP A 13 0.04 -11.55 -4.87
N LEU A 14 0.30 -10.41 -4.21
CA LEU A 14 0.58 -9.10 -4.75
C LEU A 14 2.07 -8.92 -4.98
N VAL A 15 2.40 -8.32 -6.12
CA VAL A 15 3.76 -7.87 -6.45
C VAL A 15 3.76 -6.45 -7.01
N ILE A 16 4.43 -5.57 -6.27
CA ILE A 16 4.65 -4.15 -6.51
C ILE A 16 5.99 -3.95 -7.20
N ASP A 17 6.08 -2.98 -8.11
CA ASP A 17 7.16 -2.94 -9.09
C ASP A 17 7.60 -1.49 -9.34
N ASN A 18 8.70 -1.02 -8.71
CA ASN A 18 9.31 0.29 -9.02
C ASN A 18 10.17 0.22 -10.29
N GLY A 19 10.54 -0.99 -10.71
CA GLY A 19 11.14 -1.24 -12.03
C GLY A 19 10.28 -0.79 -13.22
N GLY A 20 8.97 -0.58 -13.01
CA GLY A 20 8.03 -0.02 -13.99
C GLY A 20 6.90 0.87 -13.42
N ARG A 21 7.00 1.29 -12.15
CA ARG A 21 5.97 2.03 -11.38
C ARG A 21 4.55 1.46 -11.54
N SER A 22 4.40 0.15 -11.34
CA SER A 22 3.12 -0.57 -11.45
C SER A 22 3.05 -1.76 -10.49
N VAL A 23 1.99 -2.57 -10.55
CA VAL A 23 1.84 -3.81 -9.74
C VAL A 23 1.02 -4.88 -10.49
N THR A 24 1.35 -6.14 -10.19
CA THR A 24 0.58 -7.35 -10.51
C THR A 24 -0.07 -7.88 -9.23
N LEU A 25 -1.30 -8.38 -9.30
CA LEU A 25 -1.84 -9.28 -8.27
C LEU A 25 -2.24 -10.59 -8.94
N ASN A 26 -1.96 -11.71 -8.29
CA ASN A 26 -2.54 -13.01 -8.62
C ASN A 26 -2.18 -13.45 -10.07
N GLY A 27 -1.00 -13.03 -10.55
CA GLY A 27 -0.52 -13.18 -11.93
C GLY A 27 -1.37 -12.45 -12.98
N GLU A 28 -2.10 -11.41 -12.59
CA GLU A 28 -3.24 -10.87 -13.36
C GLU A 28 -3.38 -9.33 -13.31
N LEU A 29 -2.27 -8.64 -13.02
CA LEU A 29 -1.97 -7.29 -13.53
C LEU A 29 -2.96 -6.23 -13.04
N VAL A 30 -2.85 -5.82 -11.78
CA VAL A 30 -3.76 -4.81 -11.20
C VAL A 30 -3.69 -3.52 -12.02
N ASP A 31 -2.45 -3.03 -12.15
CA ASP A 31 -2.12 -1.66 -12.50
C ASP A 31 -2.82 -0.61 -11.60
N PHE A 32 -2.23 -0.34 -10.43
CA PHE A 32 -2.62 0.75 -9.53
C PHE A 32 -2.48 2.15 -10.21
N THR A 33 -3.19 3.14 -9.67
CA THR A 33 -3.09 4.57 -10.10
C THR A 33 -1.72 5.15 -9.74
N SER A 34 -1.36 6.35 -10.18
CA SER A 34 -0.10 7.00 -9.76
C SER A 34 0.02 7.15 -8.24
N ALA A 35 -0.92 7.84 -7.58
CA ALA A 35 -0.88 7.98 -6.12
C ALA A 35 -1.13 6.67 -5.39
N GLU A 36 -2.04 5.83 -5.87
CA GLU A 36 -2.36 4.60 -5.17
C GLU A 36 -1.16 3.65 -5.23
N TYR A 37 -0.49 3.54 -6.37
CA TYR A 37 0.82 2.91 -6.42
C TYR A 37 1.85 3.65 -5.55
N ASP A 38 1.92 4.99 -5.52
CA ASP A 38 2.87 5.67 -4.63
C ASP A 38 2.69 5.30 -3.16
N LEU A 39 1.46 5.44 -2.63
CA LEU A 39 1.14 5.20 -1.23
C LEU A 39 1.28 3.72 -0.90
N LEU A 40 0.90 2.86 -1.85
CA LEU A 40 1.04 1.42 -1.69
C LEU A 40 2.53 1.03 -1.68
N TRP A 41 3.34 1.44 -2.66
CA TRP A 41 4.80 1.33 -2.64
C TRP A 41 5.42 1.79 -1.33
N LEU A 42 5.09 3.00 -0.87
CA LEU A 42 5.56 3.53 0.42
C LEU A 42 5.28 2.53 1.56
N LEU A 43 4.02 2.10 1.65
CA LEU A 43 3.56 1.19 2.68
C LEU A 43 4.34 -0.14 2.61
N ALA A 44 4.32 -0.77 1.43
CA ALA A 44 5.00 -2.02 1.07
C ALA A 44 6.53 -1.98 1.19
N SER A 45 7.14 -0.83 0.94
CA SER A 45 8.59 -0.59 1.03
C SER A 45 9.00 -0.39 2.48
N ASN A 46 8.10 0.09 3.34
CA ASN A 46 8.31 -0.01 4.79
C ASN A 46 7.79 -1.32 5.41
N ALA A 47 7.18 -2.22 4.63
CA ALA A 47 6.29 -3.25 5.18
C ALA A 47 6.87 -4.08 6.34
N GLY A 48 6.05 -4.19 7.40
CA GLY A 48 6.43 -4.66 8.75
C GLY A 48 6.67 -3.53 9.78
N ARG A 49 6.90 -2.29 9.32
CA ARG A 49 6.83 -1.03 10.09
C ARG A 49 5.46 -0.38 9.88
N ILE A 50 4.84 0.22 10.89
CA ILE A 50 3.55 0.94 10.75
C ILE A 50 3.78 2.35 10.19
N LEU A 51 2.89 2.83 9.32
CA LEU A 51 2.98 4.11 8.65
C LEU A 51 1.73 4.95 8.97
N SER A 52 1.83 6.07 9.65
CA SER A 52 0.73 6.85 10.29
C SER A 52 -0.34 7.56 9.39
N ARG A 53 -0.78 6.97 8.26
CA ARG A 53 -1.60 7.54 7.12
C ARG A 53 -1.07 8.83 6.44
N GLU A 54 -0.95 9.87 7.26
CA GLU A 54 -0.47 11.18 6.83
C GLU A 54 1.01 11.13 6.45
N ASP A 55 1.84 10.37 7.18
CA ASP A 55 3.29 10.24 6.91
C ASP A 55 3.55 9.79 5.46
N ILE A 56 2.78 8.78 5.04
CA ILE A 56 2.70 8.24 3.70
C ILE A 56 2.34 9.36 2.73
N PHE A 57 1.14 9.93 2.88
CA PHE A 57 0.67 10.91 1.89
C PHE A 57 1.54 12.16 1.78
N GLU A 58 2.07 12.58 2.92
CA GLU A 58 3.04 13.68 3.06
C GLU A 58 4.40 13.37 2.41
N ARG A 59 4.82 12.08 2.31
CA ARG A 59 5.88 11.68 1.36
C ARG A 59 5.43 11.86 -0.09
N LEU A 60 4.32 11.22 -0.53
CA LEU A 60 4.04 11.15 -1.98
C LEU A 60 3.43 12.42 -2.61
N ARG A 61 2.61 13.19 -1.89
CA ARG A 61 1.98 14.43 -2.36
C ARG A 61 2.29 15.62 -1.44
N GLY A 62 1.36 15.98 -0.54
CA GLY A 62 1.39 17.28 0.17
C GLY A 62 1.25 18.49 -0.78
N ILE A 63 0.63 18.28 -1.95
CA ILE A 63 0.58 19.22 -3.09
C ILE A 63 -0.35 20.40 -2.79
N GLU A 64 -1.60 20.09 -2.50
CA GLU A 64 -2.60 20.99 -1.92
C GLU A 64 -2.65 20.89 -0.38
N TYR A 65 -2.95 22.01 0.31
CA TYR A 65 -3.01 22.07 1.78
C TYR A 65 -4.35 21.57 2.37
N ASP A 66 -5.44 21.66 1.60
CA ASP A 66 -6.78 21.16 1.94
C ASP A 66 -7.59 20.83 0.66
N GLY A 67 -8.56 19.91 0.76
CA GLY A 67 -9.44 19.52 -0.34
C GLY A 67 -10.17 18.19 -0.11
N GLN A 68 -10.96 17.77 -1.11
CA GLN A 68 -11.69 16.49 -1.09
C GLN A 68 -10.80 15.25 -1.34
N ASP A 69 -9.54 15.45 -1.74
CA ASP A 69 -8.55 14.40 -2.07
C ASP A 69 -7.89 13.78 -0.82
N ARG A 70 -8.43 14.05 0.39
CA ARG A 70 -7.97 13.53 1.70
C ARG A 70 -8.52 12.14 2.06
N SER A 71 -9.03 11.39 1.08
CA SER A 71 -9.76 10.11 1.18
C SER A 71 -8.89 8.88 1.51
N ILE A 72 -7.87 9.02 2.37
CA ILE A 72 -6.86 7.98 2.64
C ILE A 72 -7.45 6.61 3.03
N ASP A 73 -8.34 6.51 4.01
CA ASP A 73 -8.93 5.23 4.46
C ASP A 73 -9.79 4.55 3.40
N VAL A 74 -10.33 5.33 2.46
CA VAL A 74 -11.24 4.83 1.43
C VAL A 74 -10.44 4.29 0.28
N ARG A 75 -9.41 5.05 -0.11
CA ARG A 75 -8.58 4.56 -1.17
C ARG A 75 -7.78 3.33 -0.71
N ILE A 76 -7.32 3.21 0.55
CA ILE A 76 -6.94 1.91 1.18
C ILE A 76 -8.07 0.88 1.07
N SER A 77 -9.32 1.23 1.38
CA SER A 77 -10.48 0.36 1.12
C SER A 77 -10.74 0.05 -0.38
N ARG A 78 -10.00 0.63 -1.33
CA ARG A 78 -9.85 0.16 -2.73
C ARG A 78 -8.52 -0.57 -3.05
N ILE A 79 -7.40 -0.22 -2.39
CA ILE A 79 -6.19 -1.07 -2.40
C ILE A 79 -6.59 -2.46 -1.90
N ARG A 80 -7.40 -2.54 -0.84
CA ARG A 80 -8.04 -3.75 -0.27
C ARG A 80 -8.46 -4.77 -1.35
N PRO A 81 -9.49 -4.54 -2.20
CA PRO A 81 -9.83 -5.47 -3.28
C PRO A 81 -8.76 -5.54 -4.38
N LYS A 82 -7.97 -4.49 -4.67
CA LYS A 82 -6.87 -4.57 -5.65
C LYS A 82 -5.69 -5.44 -5.21
N ILE A 83 -5.53 -5.72 -3.93
CA ILE A 83 -4.50 -6.63 -3.39
C ILE A 83 -5.07 -7.95 -2.89
N GLY A 84 -6.27 -8.28 -3.36
CA GLY A 84 -6.91 -9.58 -3.11
C GLY A 84 -7.48 -9.74 -1.69
N ASP A 85 -7.57 -8.64 -0.94
CA ASP A 85 -7.72 -8.64 0.52
C ASP A 85 -9.16 -8.83 1.06
N ASP A 86 -9.24 -9.09 2.36
CA ASP A 86 -10.43 -9.25 3.18
C ASP A 86 -11.40 -8.05 3.04
N PRO A 87 -12.67 -8.27 2.63
CA PRO A 87 -13.63 -7.21 2.37
C PRO A 87 -14.01 -6.31 3.56
N GLU A 88 -13.83 -6.74 4.82
CA GLU A 88 -14.20 -5.94 6.01
C GLU A 88 -13.10 -4.95 6.43
N ASN A 89 -11.84 -5.42 6.40
CA ASN A 89 -10.61 -4.62 6.42
C ASN A 89 -9.47 -5.46 5.85
N PRO A 90 -8.55 -4.85 5.09
CA PRO A 90 -7.44 -5.55 4.51
C PRO A 90 -6.55 -6.10 5.62
N LYS A 91 -6.27 -7.40 5.61
CA LYS A 91 -5.26 -8.00 6.48
C LYS A 91 -3.86 -7.49 6.14
N ARG A 92 -3.65 -6.98 4.91
CA ARG A 92 -2.42 -6.30 4.49
C ARG A 92 -2.18 -4.97 5.18
N ILE A 93 -3.21 -4.18 5.55
CA ILE A 93 -3.00 -2.72 5.79
C ILE A 93 -3.52 -2.09 7.10
N LYS A 94 -4.84 -2.07 7.32
CA LYS A 94 -5.48 -0.87 7.92
C LYS A 94 -5.27 -0.73 9.43
N THR A 95 -4.86 0.47 9.87
CA THR A 95 -4.74 0.97 11.26
C THR A 95 -3.67 0.34 12.15
N VAL A 96 -3.56 -0.99 12.13
CA VAL A 96 -2.93 -1.96 13.06
C VAL A 96 -3.51 -1.99 14.48
N ARG A 97 -3.71 -0.83 15.12
CA ARG A 97 -4.37 -0.69 16.44
C ARG A 97 -5.05 0.67 16.58
N SER A 98 -4.27 1.74 16.48
CA SER A 98 -4.73 3.14 16.53
C SER A 98 -3.91 4.08 15.64
N LYS A 99 -2.96 3.57 14.83
CA LYS A 99 -1.83 4.33 14.29
C LYS A 99 -2.01 4.82 12.86
N GLY A 100 -2.11 3.91 11.89
CA GLY A 100 -1.91 4.30 10.48
C GLY A 100 -2.39 3.28 9.47
N TYR A 101 -1.42 2.80 8.72
CA TYR A 101 -1.44 1.70 7.81
C TYR A 101 -0.14 0.98 8.08
N LEU A 102 -0.21 -0.17 8.72
CA LEU A 102 0.95 -1.07 8.64
C LEU A 102 0.68 -1.90 7.40
N PHE A 103 1.57 -1.82 6.43
CA PHE A 103 1.57 -2.87 5.45
C PHE A 103 2.33 -4.08 5.98
N VAL A 104 1.63 -5.16 6.23
CA VAL A 104 2.16 -6.40 6.83
C VAL A 104 3.05 -7.20 5.86
N LYS A 105 3.84 -8.12 6.39
CA LYS A 105 4.55 -9.18 5.63
C LYS A 105 3.91 -10.54 5.92
N GLU A 106 3.83 -10.90 7.19
CA GLU A 106 2.81 -11.79 7.75
C GLU A 106 1.91 -11.02 8.73
N THR A 107 0.63 -11.38 8.81
CA THR A 107 -0.36 -10.69 9.67
C THR A 107 -0.26 -11.11 11.15
N ASN A 108 0.38 -12.27 11.44
CA ASN A 108 0.65 -12.75 12.80
C ASN A 108 1.83 -11.99 13.46
N GLY A 109 1.90 -12.06 14.80
CA GLY A 109 2.93 -11.41 15.62
C GLY A 109 2.75 -11.58 17.13
N LEU A 110 3.61 -10.94 17.92
CA LEU A 110 3.62 -10.94 19.40
C LEU A 110 3.91 -9.54 19.96
N GLU A 2 28.04 -1.71 -8.95
CA GLU A 2 27.97 -1.41 -7.50
C GLU A 2 26.54 -1.54 -6.93
N ASP A 3 25.61 -2.14 -7.70
CA ASP A 3 24.20 -2.32 -7.35
C ASP A 3 23.63 -3.62 -7.96
N GLU A 4 22.65 -4.23 -7.27
CA GLU A 4 21.96 -5.47 -7.70
C GLU A 4 20.52 -5.50 -7.12
N VAL A 5 19.88 -4.33 -7.07
CA VAL A 5 18.71 -4.06 -6.23
C VAL A 5 17.42 -4.54 -6.87
N ALA A 6 16.61 -5.25 -6.07
CA ALA A 6 15.34 -5.80 -6.48
C ALA A 6 14.26 -4.72 -6.55
N GLN A 7 13.96 -4.36 -7.78
CA GLN A 7 12.96 -3.34 -8.15
C GLN A 7 11.50 -3.82 -8.11
N ARG A 8 11.28 -5.14 -7.96
CA ARG A 8 9.99 -5.75 -7.61
C ARG A 8 9.97 -6.13 -6.12
N ILE A 9 8.82 -5.93 -5.49
CA ILE A 9 8.49 -6.00 -4.06
C ILE A 9 7.29 -6.95 -3.93
N GLU A 10 7.38 -8.01 -3.15
CA GLU A 10 6.29 -8.99 -2.98
C GLU A 10 5.91 -9.29 -1.54
N PHE A 11 4.62 -9.56 -1.34
CA PHE A 11 4.05 -9.67 0.04
C PHE A 11 3.31 -10.97 0.31
N ASP A 12 2.41 -11.36 -0.60
CA ASP A 12 1.46 -12.45 -0.36
C ASP A 12 1.15 -13.17 -1.69
N ASP A 13 0.31 -12.56 -2.52
CA ASP A 13 0.13 -12.86 -3.95
C ASP A 13 0.19 -11.57 -4.80
N LEU A 14 0.43 -10.42 -4.15
CA LEU A 14 0.69 -9.11 -4.72
C LEU A 14 2.18 -8.90 -4.95
N VAL A 15 2.49 -8.33 -6.11
CA VAL A 15 3.83 -7.84 -6.45
C VAL A 15 3.79 -6.43 -7.03
N ILE A 16 4.45 -5.53 -6.31
CA ILE A 16 4.65 -4.10 -6.58
C ILE A 16 5.98 -3.91 -7.29
N ASP A 17 6.06 -2.96 -8.22
CA ASP A 17 7.15 -2.90 -9.18
C ASP A 17 7.56 -1.44 -9.44
N ASN A 18 8.64 -0.98 -8.79
CA ASN A 18 9.25 0.33 -9.06
C ASN A 18 10.08 0.33 -10.35
N GLY A 19 10.36 -0.86 -10.88
CA GLY A 19 10.93 -1.06 -12.21
C GLY A 19 10.03 -0.57 -13.36
N GLY A 20 8.72 -0.35 -13.09
CA GLY A 20 7.75 0.21 -14.05
C GLY A 20 6.63 1.07 -13.44
N ARG A 21 6.72 1.43 -12.15
CA ARG A 21 5.65 2.06 -11.34
C ARG A 21 4.28 1.38 -11.52
N SER A 22 4.28 0.06 -11.42
CA SER A 22 3.13 -0.83 -11.70
C SER A 22 3.04 -1.96 -10.68
N VAL A 23 1.96 -2.76 -10.70
CA VAL A 23 1.82 -3.97 -9.85
C VAL A 23 1.02 -5.07 -10.56
N THR A 24 1.35 -6.32 -10.22
CA THR A 24 0.60 -7.55 -10.51
C THR A 24 -0.03 -8.04 -9.22
N LEU A 25 -1.27 -8.54 -9.25
CA LEU A 25 -1.78 -9.42 -8.20
C LEU A 25 -2.17 -10.75 -8.85
N ASN A 26 -1.87 -11.86 -8.18
CA ASN A 26 -2.44 -13.16 -8.48
C ASN A 26 -2.10 -13.63 -9.93
N GLY A 27 -0.94 -13.19 -10.44
CA GLY A 27 -0.49 -13.37 -11.83
C GLY A 27 -1.35 -12.67 -12.88
N GLU A 28 -2.09 -11.62 -12.49
CA GLU A 28 -3.23 -11.10 -13.26
C GLU A 28 -3.37 -9.56 -13.24
N LEU A 29 -2.26 -8.86 -12.97
CA LEU A 29 -1.95 -7.53 -13.51
C LEU A 29 -2.95 -6.46 -13.04
N VAL A 30 -2.84 -6.03 -11.78
CA VAL A 30 -3.76 -5.01 -11.23
C VAL A 30 -3.67 -3.73 -12.06
N ASP A 31 -2.44 -3.23 -12.19
CA ASP A 31 -2.13 -1.83 -12.50
C ASP A 31 -2.87 -0.80 -11.62
N PHE A 32 -2.25 -0.50 -10.46
CA PHE A 32 -2.63 0.61 -9.59
C PHE A 32 -2.56 1.99 -10.28
N THR A 33 -3.25 2.98 -9.74
CA THR A 33 -3.17 4.40 -10.18
C THR A 33 -1.80 4.97 -9.79
N SER A 34 -1.39 6.16 -10.26
CA SER A 34 -0.11 6.74 -9.83
C SER A 34 -0.05 7.03 -8.32
N ALA A 35 -1.06 7.69 -7.74
CA ALA A 35 -1.07 7.93 -6.29
C ALA A 35 -1.32 6.66 -5.50
N GLU A 36 -2.22 5.79 -5.96
CA GLU A 36 -2.51 4.56 -5.23
C GLU A 36 -1.29 3.65 -5.23
N TYR A 37 -0.60 3.53 -6.37
CA TYR A 37 0.74 2.96 -6.40
C TYR A 37 1.71 3.73 -5.50
N ASP A 38 1.76 5.07 -5.46
CA ASP A 38 2.65 5.76 -4.53
C ASP A 38 2.42 5.41 -3.07
N LEU A 39 1.17 5.52 -2.60
CA LEU A 39 0.80 5.32 -1.20
C LEU A 39 0.98 3.84 -0.82
N LEU A 40 0.63 2.96 -1.76
CA LEU A 40 0.84 1.51 -1.62
C LEU A 40 2.34 1.18 -1.62
N TRP A 41 3.14 1.64 -2.58
CA TRP A 41 4.62 1.52 -2.61
C TRP A 41 5.25 1.97 -1.30
N LEU A 42 4.90 3.16 -0.82
CA LEU A 42 5.38 3.66 0.48
C LEU A 42 5.09 2.64 1.59
N LEU A 43 3.84 2.20 1.67
CA LEU A 43 3.41 1.25 2.68
C LEU A 43 4.20 -0.07 2.58
N ALA A 44 4.22 -0.67 1.39
CA ALA A 44 4.90 -1.90 1.02
C ALA A 44 6.43 -1.86 1.14
N SER A 45 7.03 -0.70 0.88
CA SER A 45 8.48 -0.44 0.96
C SER A 45 8.90 -0.27 2.42
N ASN A 46 7.99 0.21 3.28
CA ASN A 46 8.21 0.12 4.72
C ASN A 46 7.71 -1.19 5.36
N ALA A 47 7.10 -2.10 4.58
CA ALA A 47 6.25 -3.16 5.13
C ALA A 47 6.89 -3.97 6.27
N GLY A 48 6.11 -4.09 7.35
CA GLY A 48 6.52 -4.57 8.69
C GLY A 48 6.74 -3.46 9.74
N ARG A 49 6.97 -2.21 9.30
CA ARG A 49 6.86 -0.96 10.08
C ARG A 49 5.47 -0.36 9.90
N ILE A 50 4.83 0.20 10.91
CA ILE A 50 3.52 0.90 10.79
C ILE A 50 3.73 2.31 10.24
N LEU A 51 2.85 2.77 9.35
CA LEU A 51 2.93 4.05 8.69
C LEU A 51 1.67 4.87 9.02
N SER A 52 1.80 6.01 9.69
CA SER A 52 0.73 6.78 10.39
C SER A 52 -0.43 7.42 9.56
N ARG A 53 -0.84 6.87 8.40
CA ARG A 53 -1.65 7.46 7.27
C ARG A 53 -1.07 8.75 6.64
N GLU A 54 -0.81 9.73 7.51
CA GLU A 54 -0.19 10.97 7.13
C GLU A 54 1.26 10.77 6.67
N ASP A 55 2.06 9.92 7.32
CA ASP A 55 3.50 9.74 6.98
C ASP A 55 3.68 9.39 5.49
N ILE A 56 2.84 8.44 5.06
CA ILE A 56 2.62 8.02 3.68
C ILE A 56 2.29 9.23 2.82
N PHE A 57 1.12 9.84 3.06
CA PHE A 57 0.64 10.87 2.13
C PHE A 57 1.52 12.12 2.05
N GLU A 58 2.07 12.48 3.20
CA GLU A 58 3.05 13.56 3.41
C GLU A 58 4.38 13.30 2.69
N ARG A 59 4.82 12.03 2.55
CA ARG A 59 5.89 11.69 1.59
C ARG A 59 5.42 11.93 0.14
N LEU A 60 4.30 11.34 -0.29
CA LEU A 60 4.01 11.26 -1.75
C LEU A 60 3.32 12.50 -2.38
N ARG A 61 2.58 13.29 -1.59
CA ARG A 61 1.73 14.41 -2.06
C ARG A 61 1.76 15.61 -1.11
N GLY A 62 1.34 15.42 0.14
CA GLY A 62 1.22 16.48 1.15
C GLY A 62 0.07 17.47 0.87
N ILE A 63 -0.90 17.07 0.04
CA ILE A 63 -2.02 17.91 -0.42
C ILE A 63 -3.23 17.75 0.52
N GLU A 64 -4.20 18.64 0.39
CA GLU A 64 -5.27 18.84 1.39
C GLU A 64 -6.41 17.81 1.32
N TYR A 65 -6.90 17.48 0.11
CA TYR A 65 -8.01 16.55 -0.16
C TYR A 65 -9.20 16.72 0.80
N ASP A 66 -9.83 17.91 0.76
CA ASP A 66 -10.92 18.31 1.65
C ASP A 66 -12.19 17.45 1.50
N GLY A 67 -12.42 16.84 0.32
CA GLY A 67 -13.48 15.86 0.09
C GLY A 67 -13.20 14.52 0.78
N GLN A 68 -13.88 14.25 1.90
CA GLN A 68 -13.66 13.07 2.74
C GLN A 68 -14.05 11.74 2.07
N ASP A 69 -14.86 11.79 1.00
CA ASP A 69 -15.19 10.63 0.15
C ASP A 69 -13.99 10.11 -0.69
N ARG A 70 -12.87 10.85 -0.70
CA ARG A 70 -11.63 10.52 -1.43
C ARG A 70 -10.39 10.48 -0.51
N SER A 71 -10.57 10.28 0.79
CA SER A 71 -9.50 10.27 1.80
C SER A 71 -8.52 9.08 1.66
N ILE A 72 -7.38 9.14 2.35
CA ILE A 72 -6.42 8.03 2.55
C ILE A 72 -7.12 6.69 2.88
N ASP A 73 -8.12 6.67 3.77
CA ASP A 73 -8.84 5.46 4.19
C ASP A 73 -9.60 4.81 3.03
N VAL A 74 -10.05 5.65 2.10
CA VAL A 74 -10.75 5.19 0.89
C VAL A 74 -9.79 4.56 -0.08
N ARG A 75 -8.65 5.20 -0.32
CA ARG A 75 -7.66 4.59 -1.20
C ARG A 75 -7.31 3.22 -0.64
N ILE A 76 -6.95 3.10 0.64
CA ILE A 76 -6.70 1.80 1.28
C ILE A 76 -7.89 0.85 1.10
N SER A 77 -9.12 1.35 1.25
CA SER A 77 -10.32 0.54 1.00
C SER A 77 -10.57 0.17 -0.49
N ARG A 78 -9.79 0.72 -1.44
CA ARG A 78 -9.64 0.24 -2.84
C ARG A 78 -8.34 -0.58 -3.10
N ILE A 79 -7.22 -0.26 -2.45
CA ILE A 79 -6.03 -1.14 -2.44
C ILE A 79 -6.49 -2.50 -1.93
N ARG A 80 -7.28 -2.52 -0.86
CA ARG A 80 -7.95 -3.70 -0.26
C ARG A 80 -8.42 -4.73 -1.32
N PRO A 81 -9.45 -4.49 -2.14
CA PRO A 81 -9.81 -5.44 -3.21
C PRO A 81 -8.74 -5.58 -4.31
N LYS A 82 -7.93 -4.54 -4.63
CA LYS A 82 -6.86 -4.68 -5.63
C LYS A 82 -5.69 -5.57 -5.21
N ILE A 83 -5.51 -5.81 -3.91
CA ILE A 83 -4.47 -6.71 -3.37
C ILE A 83 -5.05 -8.03 -2.84
N GLY A 84 -6.25 -8.36 -3.32
CA GLY A 84 -6.92 -9.63 -3.04
C GLY A 84 -7.59 -9.70 -1.66
N ASP A 85 -7.64 -8.57 -0.96
CA ASP A 85 -7.97 -8.46 0.47
C ASP A 85 -9.48 -8.44 0.82
N ASP A 86 -9.79 -8.56 2.12
CA ASP A 86 -11.10 -8.88 2.69
C ASP A 86 -12.15 -7.75 2.70
N PRO A 87 -13.46 -8.08 2.88
CA PRO A 87 -14.56 -7.12 2.73
C PRO A 87 -14.66 -6.01 3.80
N GLU A 88 -14.35 -6.30 5.06
CA GLU A 88 -14.51 -5.34 6.17
C GLU A 88 -13.29 -4.41 6.34
N ASN A 89 -12.10 -4.98 6.20
CA ASN A 89 -10.78 -4.35 6.31
C ASN A 89 -9.74 -5.23 5.63
N PRO A 90 -8.67 -4.63 5.10
CA PRO A 90 -7.57 -5.38 4.55
C PRO A 90 -6.74 -5.98 5.68
N LYS A 91 -6.50 -7.30 5.65
CA LYS A 91 -5.48 -7.95 6.49
C LYS A 91 -4.07 -7.47 6.17
N ARG A 92 -3.84 -6.96 4.95
CA ARG A 92 -2.58 -6.39 4.50
C ARG A 92 -2.24 -5.04 5.13
N ILE A 93 -3.21 -4.25 5.61
CA ILE A 93 -2.97 -2.80 5.86
C ILE A 93 -3.47 -2.17 7.18
N LYS A 94 -4.77 -2.14 7.43
CA LYS A 94 -5.36 -0.92 8.04
C LYS A 94 -5.13 -0.77 9.55
N THR A 95 -4.70 0.42 9.99
CA THR A 95 -4.58 0.91 11.39
C THR A 95 -3.54 0.28 12.30
N VAL A 96 -3.43 -1.05 12.25
CA VAL A 96 -2.88 -2.02 13.21
C VAL A 96 -3.58 -2.03 14.59
N ARG A 97 -3.64 -0.89 15.28
CA ARG A 97 -4.28 -0.71 16.61
C ARG A 97 -5.01 0.63 16.70
N SER A 98 -4.25 1.71 16.58
CA SER A 98 -4.73 3.10 16.55
C SER A 98 -3.83 4.06 15.74
N LYS A 99 -2.84 3.53 15.00
CA LYS A 99 -1.72 4.31 14.45
C LYS A 99 -1.92 4.78 13.01
N GLY A 100 -2.04 3.86 12.06
CA GLY A 100 -1.88 4.24 10.65
C GLY A 100 -2.40 3.25 9.64
N TYR A 101 -1.45 2.70 8.91
CA TYR A 101 -1.49 1.63 7.96
C TYR A 101 -0.17 0.91 8.16
N LEU A 102 -0.20 -0.27 8.78
CA LEU A 102 0.96 -1.16 8.65
C LEU A 102 0.69 -1.99 7.42
N PHE A 103 1.54 -1.86 6.42
CA PHE A 103 1.57 -2.89 5.42
C PHE A 103 2.33 -4.10 5.96
N VAL A 104 1.62 -5.17 6.24
CA VAL A 104 2.14 -6.38 6.90
C VAL A 104 3.10 -7.19 6.00
N LYS A 105 3.81 -8.15 6.61
CA LYS A 105 4.61 -9.17 5.91
C LYS A 105 3.90 -10.53 5.94
N GLU A 106 3.45 -10.91 7.13
CA GLU A 106 2.41 -11.91 7.39
C GLU A 106 1.53 -11.39 8.55
N THR A 107 0.21 -11.58 8.50
CA THR A 107 -0.72 -10.90 9.41
C THR A 107 -0.59 -11.39 10.87
N ASN A 108 -0.64 -10.44 11.81
CA ASN A 108 -0.56 -10.72 13.26
C ASN A 108 -1.84 -11.39 13.81
N GLY A 109 -1.70 -12.18 14.87
CA GLY A 109 -2.80 -12.86 15.57
C GLY A 109 -2.38 -13.55 16.86
N LEU A 110 -3.37 -14.09 17.60
CA LEU A 110 -3.21 -14.78 18.89
C LEU A 110 -3.84 -16.19 18.87
N GLU A 2 28.26 2.02 -8.24
CA GLU A 2 27.20 1.27 -8.94
C GLU A 2 26.36 0.42 -7.95
N ASP A 3 25.13 0.08 -8.34
CA ASP A 3 24.17 -0.73 -7.57
C ASP A 3 23.55 -1.87 -8.41
N GLU A 4 23.05 -2.91 -7.76
CA GLU A 4 22.38 -4.07 -8.37
C GLU A 4 21.18 -4.46 -7.48
N VAL A 5 19.97 -4.15 -7.95
CA VAL A 5 18.78 -4.06 -7.08
C VAL A 5 17.54 -4.67 -7.71
N ALA A 6 16.86 -5.50 -6.94
CA ALA A 6 15.56 -6.07 -7.28
C ALA A 6 14.45 -5.09 -6.91
N GLN A 7 13.92 -4.46 -7.97
CA GLN A 7 12.89 -3.41 -7.90
C GLN A 7 11.44 -3.93 -7.89
N ARG A 8 11.24 -5.26 -7.98
CA ARG A 8 9.96 -5.91 -7.67
C ARG A 8 9.94 -6.37 -6.20
N ILE A 9 8.80 -6.17 -5.55
CA ILE A 9 8.50 -6.27 -4.11
C ILE A 9 7.26 -7.17 -3.97
N GLU A 10 7.32 -8.25 -3.19
CA GLU A 10 6.18 -9.17 -3.06
C GLU A 10 5.78 -9.48 -1.61
N PHE A 11 4.48 -9.71 -1.41
CA PHE A 11 3.91 -9.79 -0.04
C PHE A 11 3.08 -11.05 0.23
N ASP A 12 2.17 -11.40 -0.69
CA ASP A 12 1.18 -12.46 -0.45
C ASP A 12 0.71 -13.12 -1.77
N ASP A 13 -0.18 -12.43 -2.50
CA ASP A 13 -0.50 -12.64 -3.93
C ASP A 13 -0.05 -11.44 -4.79
N LEU A 14 0.27 -10.33 -4.14
CA LEU A 14 0.61 -9.04 -4.71
C LEU A 14 2.10 -8.92 -4.97
N VAL A 15 2.42 -8.34 -6.13
CA VAL A 15 3.76 -7.90 -6.50
C VAL A 15 3.76 -6.47 -7.03
N ILE A 16 4.45 -5.62 -6.30
CA ILE A 16 4.69 -4.21 -6.56
C ILE A 16 6.01 -4.04 -7.30
N ASP A 17 6.10 -3.09 -8.22
CA ASP A 17 7.15 -3.07 -9.22
C ASP A 17 7.61 -1.63 -9.50
N ASN A 18 8.72 -1.20 -8.89
CA ASN A 18 9.36 0.07 -9.20
C ASN A 18 10.22 0.00 -10.48
N GLY A 19 10.53 -1.23 -10.91
CA GLY A 19 11.12 -1.49 -12.22
C GLY A 19 10.21 -1.08 -13.39
N GLY A 20 8.89 -1.00 -13.16
CA GLY A 20 7.86 -0.57 -14.12
C GLY A 20 6.87 0.48 -13.61
N ARG A 21 7.05 0.99 -12.38
CA ARG A 21 6.15 1.89 -11.63
C ARG A 21 4.68 1.44 -11.65
N SER A 22 4.44 0.15 -11.42
CA SER A 22 3.10 -0.49 -11.44
C SER A 22 3.06 -1.71 -10.52
N VAL A 23 1.99 -2.50 -10.55
CA VAL A 23 1.85 -3.74 -9.76
C VAL A 23 1.01 -4.81 -10.49
N THR A 24 1.33 -6.07 -10.19
CA THR A 24 0.58 -7.28 -10.50
C THR A 24 -0.06 -7.82 -9.22
N LEU A 25 -1.28 -8.33 -9.28
CA LEU A 25 -1.82 -9.22 -8.24
C LEU A 25 -2.22 -10.55 -8.87
N ASN A 26 -1.93 -11.66 -8.20
CA ASN A 26 -2.51 -12.96 -8.52
C ASN A 26 -2.15 -13.41 -9.96
N GLY A 27 -0.97 -12.98 -10.44
CA GLY A 27 -0.49 -13.13 -11.82
C GLY A 27 -1.35 -12.42 -12.88
N GLU A 28 -2.08 -11.39 -12.49
CA GLU A 28 -3.23 -10.85 -13.27
C GLU A 28 -3.38 -9.31 -13.22
N LEU A 29 -2.27 -8.61 -12.96
CA LEU A 29 -2.00 -7.27 -13.48
C LEU A 29 -2.99 -6.20 -12.99
N VAL A 30 -2.85 -5.77 -11.72
CA VAL A 30 -3.76 -4.76 -11.15
C VAL A 30 -3.71 -3.48 -11.96
N ASP A 31 -2.49 -2.97 -12.13
CA ASP A 31 -2.19 -1.58 -12.46
C ASP A 31 -2.89 -0.55 -11.55
N PHE A 32 -2.26 -0.26 -10.40
CA PHE A 32 -2.65 0.84 -9.50
C PHE A 32 -2.51 2.22 -10.19
N THR A 33 -3.18 3.24 -9.64
CA THR A 33 -3.06 4.66 -10.07
C THR A 33 -1.67 5.20 -9.75
N SER A 34 -1.29 6.40 -10.21
CA SER A 34 -0.01 7.01 -9.83
C SER A 34 0.15 7.17 -8.30
N ALA A 35 -0.78 7.86 -7.63
CA ALA A 35 -0.73 8.00 -6.18
C ALA A 35 -1.00 6.70 -5.43
N GLU A 36 -1.92 5.87 -5.90
CA GLU A 36 -2.24 4.64 -5.17
C GLU A 36 -1.04 3.69 -5.25
N TYR A 37 -0.39 3.57 -6.40
CA TYR A 37 0.92 2.94 -6.47
C TYR A 37 1.96 3.67 -5.60
N ASP A 38 2.06 5.01 -5.58
CA ASP A 38 3.00 5.69 -4.69
C ASP A 38 2.84 5.30 -3.21
N LEU A 39 1.61 5.44 -2.69
CA LEU A 39 1.30 5.21 -1.29
C LEU A 39 1.45 3.72 -0.96
N LEU A 40 1.05 2.85 -1.90
CA LEU A 40 1.19 1.41 -1.73
C LEU A 40 2.67 1.01 -1.74
N TRP A 41 3.47 1.44 -2.71
CA TRP A 41 4.94 1.31 -2.70
C TRP A 41 5.57 1.78 -1.39
N LEU A 42 5.25 2.99 -0.93
CA LEU A 42 5.75 3.51 0.35
C LEU A 42 5.45 2.53 1.51
N LEU A 43 4.19 2.09 1.59
CA LEU A 43 3.71 1.19 2.61
C LEU A 43 4.47 -0.15 2.55
N ALA A 44 4.45 -0.78 1.38
CA ALA A 44 5.12 -2.03 1.04
C ALA A 44 6.66 -2.02 1.17
N SER A 45 7.27 -0.86 0.93
CA SER A 45 8.72 -0.62 1.04
C SER A 45 9.11 -0.45 2.51
N ASN A 46 8.19 0.06 3.35
CA ASN A 46 8.37 -0.02 4.80
C ASN A 46 7.81 -1.31 5.44
N ALA A 47 7.26 -2.24 4.65
CA ALA A 47 6.36 -3.27 5.17
C ALA A 47 6.92 -4.07 6.36
N GLY A 48 6.12 -4.09 7.43
CA GLY A 48 6.47 -4.54 8.80
C GLY A 48 6.60 -3.41 9.84
N ARG A 49 6.72 -2.14 9.42
CA ARG A 49 6.59 -0.91 10.23
C ARG A 49 5.18 -0.32 10.08
N ILE A 50 4.50 0.21 11.12
CA ILE A 50 3.22 0.94 10.90
C ILE A 50 3.52 2.34 10.35
N LEU A 51 2.82 2.73 9.28
CA LEU A 51 2.93 4.02 8.64
C LEU A 51 1.66 4.84 8.96
N SER A 52 1.75 6.01 9.59
CA SER A 52 0.66 6.74 10.27
C SER A 52 -0.41 7.47 9.40
N ARG A 53 -0.92 6.86 8.30
CA ARG A 53 -1.76 7.41 7.19
C ARG A 53 -1.26 8.70 6.47
N GLU A 54 -1.20 9.77 7.26
CA GLU A 54 -0.78 11.08 6.81
C GLU A 54 0.71 11.07 6.46
N ASP A 55 1.54 10.35 7.23
CA ASP A 55 2.99 10.23 7.00
C ASP A 55 3.31 9.75 5.56
N ILE A 56 2.53 8.75 5.13
CA ILE A 56 2.53 8.19 3.78
C ILE A 56 2.18 9.30 2.80
N PHE A 57 0.97 9.85 2.92
CA PHE A 57 0.52 10.81 1.90
C PHE A 57 1.39 12.09 1.83
N GLU A 58 1.89 12.50 2.96
CA GLU A 58 2.87 13.58 3.13
C GLU A 58 4.27 13.25 2.58
N ARG A 59 4.65 11.96 2.47
CA ARG A 59 5.74 11.54 1.56
C ARG A 59 5.37 11.78 0.10
N LEU A 60 4.26 11.23 -0.40
CA LEU A 60 4.02 11.22 -1.87
C LEU A 60 3.41 12.51 -2.48
N ARG A 61 2.56 13.25 -1.75
CA ARG A 61 1.95 14.52 -2.16
C ARG A 61 2.19 15.63 -1.12
N GLY A 62 1.12 16.24 -0.60
CA GLY A 62 1.15 17.56 0.03
C GLY A 62 1.16 18.74 -0.97
N ILE A 63 0.95 18.45 -2.26
CA ILE A 63 0.95 19.43 -3.37
C ILE A 63 -0.45 20.06 -3.57
N GLU A 64 -1.46 19.23 -3.68
CA GLU A 64 -2.84 19.60 -4.03
C GLU A 64 -3.70 20.03 -2.82
N TYR A 65 -4.73 20.86 -3.08
CA TYR A 65 -5.72 21.28 -2.08
C TYR A 65 -6.60 20.12 -1.56
N ASP A 66 -6.64 18.98 -2.26
CA ASP A 66 -7.26 17.73 -1.78
C ASP A 66 -6.64 17.20 -0.47
N GLY A 67 -5.48 17.72 -0.05
CA GLY A 67 -4.92 17.55 1.31
C GLY A 67 -5.81 18.07 2.45
N GLN A 68 -6.90 18.78 2.14
CA GLN A 68 -7.94 19.21 3.09
C GLN A 68 -8.95 18.08 3.42
N ASP A 69 -9.04 17.02 2.60
CA ASP A 69 -10.05 15.95 2.71
C ASP A 69 -9.45 14.52 2.65
N ARG A 70 -8.47 14.30 1.77
CA ARG A 70 -7.58 13.13 1.61
C ARG A 70 -8.20 11.76 1.29
N SER A 71 -9.40 11.45 1.77
CA SER A 71 -10.14 10.17 1.56
C SER A 71 -9.33 8.88 1.81
N ILE A 72 -8.28 8.96 2.64
CA ILE A 72 -7.24 7.94 2.78
C ILE A 72 -7.76 6.55 3.23
N ASP A 73 -8.65 6.44 4.21
CA ASP A 73 -9.13 5.13 4.72
C ASP A 73 -9.93 4.38 3.66
N VAL A 74 -10.57 5.14 2.77
CA VAL A 74 -11.41 4.59 1.69
C VAL A 74 -10.57 4.15 0.53
N ARG A 75 -9.59 4.99 0.17
CA ARG A 75 -8.70 4.64 -0.91
C ARG A 75 -7.89 3.39 -0.54
N ILE A 76 -7.39 3.23 0.70
CA ILE A 76 -6.93 1.93 1.26
C ILE A 76 -8.01 0.85 1.17
N SER A 77 -9.25 1.13 1.52
CA SER A 77 -10.37 0.19 1.28
C SER A 77 -10.67 -0.10 -0.22
N ARG A 78 -10.00 0.57 -1.18
CA ARG A 78 -9.88 0.17 -2.61
C ARG A 78 -8.54 -0.54 -2.96
N ILE A 79 -7.42 -0.16 -2.33
CA ILE A 79 -6.18 -0.96 -2.38
C ILE A 79 -6.50 -2.38 -1.90
N ARG A 80 -7.26 -2.50 -0.81
CA ARG A 80 -7.83 -3.72 -0.23
C ARG A 80 -8.29 -4.75 -1.29
N PRO A 81 -9.36 -4.54 -2.10
CA PRO A 81 -9.72 -5.46 -3.18
C PRO A 81 -8.69 -5.51 -4.31
N LYS A 82 -7.93 -4.44 -4.61
CA LYS A 82 -6.83 -4.50 -5.60
C LYS A 82 -5.64 -5.36 -5.18
N ILE A 83 -5.47 -5.65 -3.90
CA ILE A 83 -4.43 -6.55 -3.37
C ILE A 83 -5.01 -7.87 -2.85
N GLY A 84 -6.20 -8.22 -3.32
CA GLY A 84 -6.84 -9.52 -3.07
C GLY A 84 -7.46 -9.66 -1.68
N ASP A 85 -7.54 -8.56 -0.92
CA ASP A 85 -7.80 -8.52 0.51
C ASP A 85 -9.29 -8.58 0.93
N ASP A 86 -9.53 -8.73 2.23
CA ASP A 86 -10.81 -9.09 2.86
C ASP A 86 -11.89 -7.99 2.86
N PRO A 87 -13.17 -8.35 3.06
CA PRO A 87 -14.29 -7.41 2.90
C PRO A 87 -14.36 -6.21 3.86
N GLU A 88 -14.04 -6.41 5.15
CA GLU A 88 -14.18 -5.37 6.19
C GLU A 88 -12.98 -4.41 6.23
N ASN A 89 -11.78 -4.96 6.12
CA ASN A 89 -10.47 -4.31 6.16
C ASN A 89 -9.41 -5.21 5.54
N PRO A 90 -8.36 -4.62 4.96
CA PRO A 90 -7.26 -5.39 4.45
C PRO A 90 -6.42 -5.95 5.61
N LYS A 91 -6.18 -7.25 5.62
CA LYS A 91 -5.15 -7.87 6.48
C LYS A 91 -3.76 -7.38 6.11
N ARG A 92 -3.54 -6.96 4.86
CA ARG A 92 -2.31 -6.30 4.39
C ARG A 92 -2.04 -4.96 5.04
N ILE A 93 -3.05 -4.16 5.39
CA ILE A 93 -2.82 -2.70 5.71
C ILE A 93 -3.25 -2.23 7.12
N LYS A 94 -4.22 -2.90 7.75
CA LYS A 94 -4.58 -2.79 9.19
C LYS A 94 -5.19 -1.48 9.73
N THR A 95 -4.63 -0.26 9.61
CA THR A 95 -5.15 0.99 10.24
C THR A 95 -4.84 1.09 11.74
N VAL A 96 -4.84 -0.07 12.43
CA VAL A 96 -4.38 -0.32 13.81
C VAL A 96 -5.09 0.54 14.89
N ARG A 97 -6.31 1.00 14.56
CA ARG A 97 -7.24 1.86 15.33
C ARG A 97 -6.75 3.26 15.70
N SER A 98 -5.46 3.43 15.99
CA SER A 98 -4.88 4.64 16.61
C SER A 98 -3.60 5.16 15.92
N LYS A 99 -3.18 4.59 14.78
CA LYS A 99 -1.96 5.00 14.05
C LYS A 99 -2.12 5.11 12.54
N GLY A 100 -2.32 4.00 11.84
CA GLY A 100 -1.98 3.90 10.43
C GLY A 100 -1.95 2.52 9.78
N TYR A 101 -1.44 2.61 8.58
CA TYR A 101 -1.34 1.60 7.59
C TYR A 101 -0.02 0.91 7.87
N LEU A 102 -0.06 -0.19 8.61
CA LEU A 102 1.09 -1.09 8.56
C LEU A 102 0.80 -1.91 7.34
N PHE A 103 1.67 -1.81 6.36
CA PHE A 103 1.67 -2.85 5.38
C PHE A 103 2.42 -4.05 5.93
N VAL A 104 1.69 -5.11 6.25
CA VAL A 104 2.20 -6.32 6.91
C VAL A 104 3.16 -7.13 6.00
N LYS A 105 3.94 -8.02 6.62
CA LYS A 105 4.74 -9.05 5.93
C LYS A 105 4.04 -10.40 6.05
N GLU A 106 3.81 -10.83 7.28
CA GLU A 106 2.73 -11.72 7.69
C GLU A 106 1.86 -11.02 8.77
N THR A 107 0.56 -11.29 8.79
CA THR A 107 -0.41 -10.48 9.56
C THR A 107 -0.32 -10.75 11.06
N ASN A 108 -0.17 -9.69 11.86
CA ASN A 108 -0.09 -9.72 13.32
C ASN A 108 -0.89 -8.54 13.93
N GLY A 109 -1.47 -8.74 15.11
CA GLY A 109 -2.27 -7.75 15.84
C GLY A 109 -2.87 -8.30 17.14
N LEU A 110 -3.71 -7.50 17.81
CA LEU A 110 -4.41 -7.81 19.07
C LEU A 110 -5.87 -7.34 19.05
N GLU A 2 29.23 -10.93 -8.95
CA GLU A 2 28.44 -9.90 -9.64
C GLU A 2 27.07 -9.77 -8.95
N ASP A 3 26.51 -8.55 -8.88
CA ASP A 3 25.24 -8.24 -8.23
C ASP A 3 24.26 -7.50 -9.15
N GLU A 4 22.96 -7.73 -8.95
CA GLU A 4 21.85 -7.10 -9.69
C GLU A 4 20.58 -7.09 -8.81
N VAL A 5 19.72 -6.09 -8.99
CA VAL A 5 18.42 -5.95 -8.28
C VAL A 5 17.24 -5.83 -9.24
N ALA A 6 16.08 -6.31 -8.77
CA ALA A 6 14.85 -6.40 -9.55
C ALA A 6 13.94 -5.16 -9.44
N GLN A 7 13.96 -4.47 -8.29
CA GLN A 7 12.98 -3.44 -7.88
C GLN A 7 11.49 -3.91 -7.87
N ARG A 8 11.25 -5.23 -7.87
CA ARG A 8 9.95 -5.85 -7.59
C ARG A 8 9.91 -6.34 -6.12
N ILE A 9 8.76 -6.13 -5.48
CA ILE A 9 8.46 -6.22 -4.05
C ILE A 9 7.22 -7.09 -3.90
N GLU A 10 7.25 -8.18 -3.13
CA GLU A 10 6.11 -9.11 -3.01
C GLU A 10 5.72 -9.44 -1.56
N PHE A 11 4.42 -9.72 -1.37
CA PHE A 11 3.84 -9.79 0.00
C PHE A 11 2.96 -11.01 0.30
N ASP A 12 2.07 -11.39 -0.62
CA ASP A 12 1.05 -12.42 -0.38
C ASP A 12 0.74 -13.18 -1.69
N ASP A 13 0.02 -12.51 -2.60
CA ASP A 13 -0.08 -12.82 -4.04
C ASP A 13 0.06 -11.53 -4.90
N LEU A 14 0.33 -10.40 -4.24
CA LEU A 14 0.61 -9.07 -4.79
C LEU A 14 2.10 -8.90 -5.02
N VAL A 15 2.42 -8.30 -6.17
CA VAL A 15 3.77 -7.82 -6.50
C VAL A 15 3.76 -6.40 -7.02
N ILE A 16 4.44 -5.53 -6.28
CA ILE A 16 4.68 -4.11 -6.50
C ILE A 16 6.01 -3.91 -7.19
N ASP A 17 6.11 -2.92 -8.08
CA ASP A 17 7.18 -2.89 -9.06
C ASP A 17 7.61 -1.45 -9.35
N ASN A 18 8.74 -0.99 -8.78
CA ASN A 18 9.32 0.32 -9.13
C ASN A 18 10.23 0.24 -10.37
N GLY A 19 10.64 -0.98 -10.73
CA GLY A 19 11.27 -1.26 -12.04
C GLY A 19 10.35 -0.94 -13.24
N GLY A 20 9.03 -0.94 -13.03
CA GLY A 20 8.00 -0.60 -14.03
C GLY A 20 6.98 0.46 -13.60
N ARG A 21 7.10 1.02 -12.38
CA ARG A 21 6.16 1.97 -11.74
C ARG A 21 4.70 1.47 -11.74
N SER A 22 4.49 0.18 -11.41
CA SER A 22 3.21 -0.55 -11.53
C SER A 22 3.09 -1.68 -10.50
N VAL A 23 2.00 -2.46 -10.54
CA VAL A 23 1.85 -3.70 -9.75
C VAL A 23 1.03 -4.76 -10.49
N THR A 24 1.36 -6.02 -10.19
CA THR A 24 0.62 -7.25 -10.53
C THR A 24 -0.05 -7.79 -9.26
N LEU A 25 -1.26 -8.31 -9.34
CA LEU A 25 -1.79 -9.21 -8.31
C LEU A 25 -2.20 -10.51 -8.99
N ASN A 26 -1.95 -11.64 -8.33
CA ASN A 26 -2.53 -12.93 -8.67
C ASN A 26 -2.15 -13.38 -10.11
N GLY A 27 -0.96 -12.95 -10.56
CA GLY A 27 -0.46 -13.09 -11.95
C GLY A 27 -1.29 -12.37 -13.01
N GLU A 28 -2.03 -11.32 -12.62
CA GLU A 28 -3.15 -10.77 -13.40
C GLU A 28 -3.30 -9.23 -13.34
N LEU A 29 -2.19 -8.55 -13.06
CA LEU A 29 -1.89 -7.20 -13.56
C LEU A 29 -2.90 -6.14 -13.07
N VAL A 30 -2.80 -5.73 -11.79
CA VAL A 30 -3.71 -4.73 -11.22
C VAL A 30 -3.65 -3.44 -12.01
N ASP A 31 -2.43 -2.91 -12.13
CA ASP A 31 -2.14 -1.51 -12.44
C ASP A 31 -2.91 -0.49 -11.56
N PHE A 32 -2.38 -0.25 -10.36
CA PHE A 32 -2.80 0.83 -9.47
C PHE A 32 -2.65 2.22 -10.13
N THR A 33 -3.34 3.24 -9.60
CA THR A 33 -3.20 4.66 -10.01
C THR A 33 -1.81 5.18 -9.66
N SER A 34 -1.38 6.35 -10.15
CA SER A 34 -0.07 6.92 -9.77
C SER A 34 0.09 7.08 -8.24
N ALA A 35 -0.83 7.81 -7.57
CA ALA A 35 -0.76 7.96 -6.12
C ALA A 35 -1.05 6.68 -5.36
N GLU A 36 -1.99 5.85 -5.82
CA GLU A 36 -2.34 4.63 -5.09
C GLU A 36 -1.18 3.65 -5.14
N TYR A 37 -0.55 3.50 -6.31
CA TYR A 37 0.73 2.82 -6.38
C TYR A 37 1.80 3.53 -5.53
N ASP A 38 1.94 4.86 -5.53
CA ASP A 38 2.91 5.52 -4.65
C ASP A 38 2.71 5.20 -3.16
N LEU A 39 1.49 5.35 -2.64
CA LEU A 39 1.20 5.15 -1.23
C LEU A 39 1.33 3.67 -0.87
N LEU A 40 0.91 2.80 -1.81
CA LEU A 40 1.04 1.36 -1.62
C LEU A 40 2.53 0.97 -1.58
N TRP A 41 3.33 1.35 -2.58
CA TRP A 41 4.81 1.25 -2.60
C TRP A 41 5.43 1.74 -1.30
N LEU A 42 5.09 2.94 -0.84
CA LEU A 42 5.57 3.49 0.42
C LEU A 42 5.34 2.50 1.57
N LEU A 43 4.09 2.03 1.72
CA LEU A 43 3.79 1.14 2.84
C LEU A 43 4.52 -0.20 2.67
N ALA A 44 4.44 -0.81 1.48
CA ALA A 44 5.08 -2.06 1.09
C ALA A 44 6.62 -2.04 1.17
N SER A 45 7.22 -0.88 0.94
CA SER A 45 8.65 -0.62 1.04
C SER A 45 9.07 -0.42 2.49
N ASN A 46 8.16 0.05 3.36
CA ASN A 46 8.37 -0.05 4.81
C ASN A 46 7.86 -1.37 5.43
N ALA A 47 7.25 -2.28 4.65
CA ALA A 47 6.34 -3.29 5.19
C ALA A 47 6.88 -4.12 6.37
N GLY A 48 6.05 -4.19 7.41
CA GLY A 48 6.39 -4.65 8.77
C GLY A 48 6.67 -3.52 9.80
N ARG A 49 6.93 -2.30 9.33
CA ARG A 49 6.89 -1.02 10.09
C ARG A 49 5.55 -0.34 9.84
N ILE A 50 4.92 0.29 10.84
CA ILE A 50 3.64 1.01 10.70
C ILE A 50 3.85 2.44 10.19
N LEU A 51 2.97 2.91 9.31
CA LEU A 51 3.07 4.21 8.66
C LEU A 51 1.80 5.02 8.95
N SER A 52 1.88 6.15 9.65
CA SER A 52 0.76 6.91 10.29
C SER A 52 -0.27 7.63 9.37
N ARG A 53 -0.76 7.02 8.27
CA ARG A 53 -1.58 7.59 7.14
C ARG A 53 -1.02 8.84 6.41
N GLU A 54 -0.92 9.91 7.20
CA GLU A 54 -0.50 11.22 6.72
C GLU A 54 0.98 11.17 6.36
N ASP A 55 1.83 10.44 7.11
CA ASP A 55 3.27 10.34 6.86
C ASP A 55 3.57 9.85 5.44
N ILE A 56 2.81 8.81 5.03
CA ILE A 56 2.76 8.25 3.69
C ILE A 56 2.39 9.35 2.70
N PHE A 57 1.17 9.88 2.82
CA PHE A 57 0.67 10.82 1.80
C PHE A 57 1.51 12.09 1.66
N GLU A 58 2.02 12.56 2.79
CA GLU A 58 2.96 13.67 2.92
C GLU A 58 4.35 13.36 2.34
N ARG A 59 4.81 12.08 2.31
CA ARG A 59 5.96 11.69 1.48
C ARG A 59 5.64 11.77 -0.02
N LEU A 60 4.51 11.21 -0.49
CA LEU A 60 4.26 11.12 -1.95
C LEU A 60 3.65 12.36 -2.61
N ARG A 61 2.88 13.18 -1.87
CA ARG A 61 1.95 14.19 -2.41
C ARG A 61 1.82 15.45 -1.51
N GLY A 62 0.83 16.28 -1.83
CA GLY A 62 0.63 17.64 -1.33
C GLY A 62 0.06 18.57 -2.40
N ILE A 63 0.39 18.28 -3.66
CA ILE A 63 -0.32 18.73 -4.87
C ILE A 63 -1.66 17.97 -4.98
N GLU A 64 -2.63 18.50 -5.72
CA GLU A 64 -3.96 17.93 -5.99
C GLU A 64 -4.80 17.53 -4.75
N TYR A 65 -4.44 18.00 -3.55
CA TYR A 65 -5.08 17.66 -2.26
C TYR A 65 -4.99 18.82 -1.26
N ASP A 66 -5.97 18.93 -0.36
CA ASP A 66 -6.05 19.95 0.69
C ASP A 66 -6.87 19.45 1.89
N GLY A 67 -6.66 20.06 3.07
CA GLY A 67 -7.36 19.72 4.32
C GLY A 67 -6.99 18.34 4.87
N GLN A 68 -7.93 17.72 5.59
CA GLN A 68 -7.80 16.37 6.17
C GLN A 68 -9.14 15.64 6.10
N ASP A 69 -9.28 14.70 5.15
CA ASP A 69 -10.50 13.92 4.88
C ASP A 69 -10.30 12.41 5.13
N ARG A 70 -11.42 11.68 5.30
CA ARG A 70 -11.46 10.20 5.43
C ARG A 70 -11.12 9.44 4.15
N SER A 71 -10.84 10.15 3.05
CA SER A 71 -10.53 9.59 1.72
C SER A 71 -9.26 8.71 1.69
N ILE A 72 -8.33 8.86 2.64
CA ILE A 72 -7.22 7.92 2.84
C ILE A 72 -7.73 6.50 3.18
N ASP A 73 -8.62 6.32 4.16
CA ASP A 73 -9.15 5.02 4.59
C ASP A 73 -9.99 4.31 3.53
N VAL A 74 -10.58 5.09 2.63
CA VAL A 74 -11.47 4.58 1.60
C VAL A 74 -10.65 4.10 0.43
N ARG A 75 -9.67 4.91 0.04
CA ARG A 75 -8.80 4.50 -1.03
C ARG A 75 -7.98 3.27 -0.61
N ILE A 76 -7.50 3.15 0.64
CA ILE A 76 -7.05 1.86 1.23
C ILE A 76 -8.12 0.77 1.13
N SER A 77 -9.39 1.05 1.45
CA SER A 77 -10.50 0.11 1.20
C SER A 77 -10.79 -0.19 -0.30
N ARG A 78 -10.14 0.49 -1.25
CA ARG A 78 -9.97 0.05 -2.66
C ARG A 78 -8.64 -0.70 -2.95
N ILE A 79 -7.51 -0.30 -2.33
CA ILE A 79 -6.28 -1.11 -2.38
C ILE A 79 -6.60 -2.52 -1.88
N ARG A 80 -7.38 -2.61 -0.80
CA ARG A 80 -7.95 -3.85 -0.22
C ARG A 80 -8.39 -4.89 -1.28
N PRO A 81 -9.45 -4.72 -2.08
CA PRO A 81 -9.79 -5.67 -3.15
C PRO A 81 -8.75 -5.70 -4.29
N LYS A 82 -8.01 -4.61 -4.53
CA LYS A 82 -6.91 -4.61 -5.53
C LYS A 82 -5.66 -5.40 -5.14
N ILE A 83 -5.51 -5.75 -3.86
CA ILE A 83 -4.47 -6.65 -3.35
C ILE A 83 -4.99 -8.00 -2.85
N GLY A 84 -6.18 -8.37 -3.32
CA GLY A 84 -6.79 -9.67 -3.04
C GLY A 84 -7.39 -9.81 -1.64
N ASP A 85 -7.49 -8.71 -0.91
CA ASP A 85 -7.80 -8.65 0.53
C ASP A 85 -9.30 -8.70 0.90
N ASP A 86 -9.60 -8.83 2.20
CA ASP A 86 -10.89 -9.18 2.80
C ASP A 86 -11.99 -8.09 2.75
N PRO A 87 -13.28 -8.45 2.97
CA PRO A 87 -14.41 -7.56 2.70
C PRO A 87 -14.54 -6.28 3.55
N GLU A 88 -14.21 -6.33 4.85
CA GLU A 88 -14.44 -5.21 5.79
C GLU A 88 -13.19 -4.33 5.97
N ASN A 89 -12.02 -4.95 5.92
CA ASN A 89 -10.68 -4.34 6.00
C ASN A 89 -9.64 -5.25 5.37
N PRO A 90 -8.59 -4.67 4.80
CA PRO A 90 -7.45 -5.45 4.38
C PRO A 90 -6.69 -5.95 5.61
N LYS A 91 -6.37 -7.24 5.66
CA LYS A 91 -5.38 -7.78 6.59
C LYS A 91 -3.97 -7.28 6.28
N ARG A 92 -3.72 -6.87 5.03
CA ARG A 92 -2.48 -6.23 4.60
C ARG A 92 -2.20 -4.88 5.24
N ILE A 93 -3.21 -4.06 5.57
CA ILE A 93 -2.96 -2.60 5.78
C ILE A 93 -3.53 -1.93 7.06
N LYS A 94 -4.85 -2.00 7.27
CA LYS A 94 -5.61 -0.92 7.96
C LYS A 94 -5.28 -0.76 9.45
N THR A 95 -4.89 0.45 9.86
CA THR A 95 -4.79 0.95 11.25
C THR A 95 -3.73 0.37 12.16
N VAL A 96 -3.66 -0.96 12.28
CA VAL A 96 -2.93 -1.73 13.30
C VAL A 96 -3.33 -1.29 14.73
N ARG A 97 -2.40 -1.10 15.68
CA ARG A 97 -2.64 -0.59 17.04
C ARG A 97 -2.92 0.92 17.06
N SER A 98 -4.04 1.33 16.44
CA SER A 98 -4.58 2.70 16.42
C SER A 98 -3.60 3.77 15.88
N LYS A 99 -2.83 3.45 14.83
CA LYS A 99 -1.70 4.28 14.35
C LYS A 99 -1.86 4.81 12.93
N GLY A 100 -1.99 3.94 11.92
CA GLY A 100 -1.83 4.35 10.53
C GLY A 100 -2.34 3.34 9.50
N TYR A 101 -1.39 2.94 8.69
CA TYR A 101 -1.41 1.83 7.78
C TYR A 101 -0.10 1.13 8.05
N LEU A 102 -0.18 -0.04 8.68
CA LEU A 102 0.97 -0.95 8.58
C LEU A 102 0.70 -1.80 7.38
N PHE A 103 1.58 -1.75 6.39
CA PHE A 103 1.58 -2.83 5.45
C PHE A 103 2.34 -4.02 6.02
N VAL A 104 1.62 -5.10 6.33
CA VAL A 104 2.15 -6.27 7.01
C VAL A 104 3.14 -7.07 6.13
N LYS A 105 3.95 -7.92 6.77
CA LYS A 105 4.81 -8.91 6.09
C LYS A 105 4.07 -10.23 5.94
N GLU A 106 3.59 -10.76 7.07
CA GLU A 106 2.42 -11.64 7.16
C GLU A 106 1.61 -11.28 8.42
N THR A 107 0.29 -11.50 8.40
CA THR A 107 -0.62 -11.04 9.46
C THR A 107 -0.48 -11.82 10.79
N ASN A 108 0.31 -12.90 10.80
CA ASN A 108 0.67 -13.66 12.01
C ASN A 108 1.75 -12.95 12.86
N GLY A 109 2.43 -11.92 12.32
CA GLY A 109 3.46 -11.16 13.03
C GLY A 109 2.92 -10.32 14.19
N LEU A 110 3.72 -10.18 15.26
CA LEU A 110 3.42 -9.43 16.49
C LEU A 110 4.67 -8.73 17.07
#